data_4DN5
#
_entry.id   4DN5
#
_cell.length_a   85.060
_cell.length_b   85.060
_cell.length_c   115.400
_cell.angle_alpha   90.00
_cell.angle_beta   90.00
_cell.angle_gamma   90.00
#
_symmetry.space_group_name_H-M   'P 41'
#
loop_
_entity.id
_entity.type
_entity.pdbx_description
1 polymer 'Mitogen-activated protein kinase kinase kinase 14'
2 non-polymer 'MAGNESIUM ION'
3 non-polymer GLYCEROL
4 non-polymer 1,2-ETHANEDIOL
5 non-polymer 'PHOSPHOTHIOPHOSPHORIC ACID-ADENYLATE ESTER'
6 water water
#
_entity_poly.entity_id   1
_entity_poly.type   'polypeptide(L)'
_entity_poly.pdbx_seq_one_letter_code
;GAMGSKFSVEEYLVHALQGSVSSGQAHSLTSLAKTWAARGSRSREPSPKTEDNEGVLLTEKLKPVDYEYREEVHWATHQL
RLGRGSFGEVHRMEDKQTGFQCAVKKVRLEVFRAEELMACAGLTSPRIVPLYGAVREGPWVNIFMELLEGGSLGQLVKEQ
GCLPEDRALYYLGQALEGLEYLHSRRILHGDVKADNVLLSSDGSHAALCDFGHAVCLQPDGLGKDLLTGDYIPGTETHMA
PEVVLGRSCDAKVDVWSSCCMMLHMLNGCHPWTQFFRGPLCLKIASEPPPVREIPPSCAPLTAQAIQEGLRKEPIHRVSA
AELGGKVNRALQQVGGLKSPWRGEYKEPRHPPPNQA
;
_entity_poly.pdbx_strand_id   A,B
#
# COMPACT_ATOMS: atom_id res chain seq x y z
N SER A 8 -12.26 28.75 15.21
CA SER A 8 -12.37 28.43 13.76
C SER A 8 -13.59 27.54 13.49
N VAL A 9 -14.26 27.80 12.36
CA VAL A 9 -15.50 27.10 12.01
C VAL A 9 -15.25 25.74 11.35
N GLU A 10 -14.25 25.68 10.46
CA GLU A 10 -13.93 24.44 9.73
C GLU A 10 -13.23 23.41 10.63
N GLU A 11 -12.34 23.88 11.49
CA GLU A 11 -11.60 23.00 12.41
C GLU A 11 -12.50 22.38 13.48
N TYR A 12 -13.65 23.02 13.73
CA TYR A 12 -14.67 22.49 14.62
C TYR A 12 -15.55 21.49 13.88
N LEU A 13 -15.83 21.78 12.60
CA LEU A 13 -16.60 20.90 11.74
C LEU A 13 -15.86 19.59 11.49
N VAL A 14 -14.55 19.70 11.25
CA VAL A 14 -13.67 18.56 11.02
C VAL A 14 -13.63 17.61 12.22
N HIS A 15 -13.56 18.18 13.42
CA HIS A 15 -13.51 17.40 14.66
C HIS A 15 -14.74 16.55 14.87
N ALA A 16 -15.88 17.05 14.41
CA ALA A 16 -17.15 16.32 14.49
C ALA A 16 -17.16 15.09 13.58
N LEU A 17 -16.40 15.18 12.49
CA LEU A 17 -16.31 14.11 11.50
C LEU A 17 -15.31 13.02 11.88
N GLN A 18 -14.30 13.40 12.68
CA GLN A 18 -13.18 12.50 13.02
C GLN A 18 -13.59 11.35 13.94
N GLY A 19 -13.11 10.16 13.62
CA GLY A 19 -13.39 8.96 14.39
C GLY A 19 -14.65 8.23 13.95
N SER A 20 -15.33 8.78 12.95
CA SER A 20 -16.58 8.21 12.43
C SER A 20 -16.61 8.26 10.90
N VAL A 21 -17.29 7.30 10.30
CA VAL A 21 -17.63 7.38 8.88
C VAL A 21 -19.13 7.69 8.73
N SER A 22 -19.42 8.74 7.95
CA SER A 22 -20.76 9.31 7.89
C SER A 22 -21.25 9.52 6.47
N SER A 23 -22.58 9.59 6.33
CA SER A 23 -23.18 10.04 5.09
C SER A 23 -23.20 11.56 5.11
N GLY A 24 -22.79 12.17 4.01
CA GLY A 24 -22.71 13.63 3.90
C GLY A 24 -22.42 14.08 2.49
N GLN A 25 -21.72 15.21 2.36
CA GLN A 25 -21.43 15.78 1.05
C GLN A 25 -19.98 16.18 0.82
N ALA A 26 -19.69 16.64 -0.40
CA ALA A 26 -18.32 16.87 -0.88
C ALA A 26 -17.41 17.66 0.07
N HIS A 27 -17.91 18.79 0.57
CA HIS A 27 -17.13 19.66 1.44
C HIS A 27 -16.71 18.99 2.73
N SER A 28 -17.53 18.03 3.19
CA SER A 28 -17.23 17.26 4.39
C SER A 28 -16.01 16.35 4.19
N LEU A 29 -16.04 15.56 3.11
CA LEU A 29 -14.91 14.69 2.75
C LEU A 29 -13.65 15.50 2.49
N THR A 30 -13.80 16.56 1.70
CA THR A 30 -12.71 17.46 1.35
C THR A 30 -11.98 17.99 2.59
N SER A 31 -12.75 18.51 3.54
CA SER A 31 -12.19 19.09 4.77
C SER A 31 -11.47 18.04 5.60
N LEU A 32 -12.05 16.84 5.65
CA LEU A 32 -11.50 15.73 6.41
C LEU A 32 -10.22 15.18 5.77
N ALA A 33 -10.20 15.11 4.44
CA ALA A 33 -9.04 14.61 3.70
C ALA A 33 -7.78 15.44 3.94
N LYS A 34 -7.97 16.75 4.15
CA LYS A 34 -6.87 17.66 4.50
C LYS A 34 -6.12 17.19 5.74
N THR A 35 -6.85 16.64 6.71
CA THR A 35 -6.25 16.18 7.96
C THR A 35 -5.53 14.85 7.79
N TRP A 36 -5.96 14.06 6.81
CA TRP A 36 -5.28 12.82 6.45
C TRP A 36 -3.93 13.12 5.87
N ALA A 37 -3.90 14.07 4.92
CA ALA A 37 -2.66 14.49 4.26
C ALA A 37 -1.65 15.08 5.24
N ALA A 38 -2.15 15.82 6.23
CA ALA A 38 -1.29 16.39 7.28
C ALA A 38 -0.87 15.32 8.29
N ARG A 39 -1.73 14.34 8.50
CA ARG A 39 -1.47 13.25 9.45
C ARG A 39 -0.42 12.28 8.95
N GLY A 40 -0.45 11.96 7.65
CA GLY A 40 0.53 11.08 7.03
C GLY A 40 1.85 11.77 6.78
N SER A 41 2.44 12.28 7.85
CA SER A 41 3.72 13.00 7.79
C SER A 41 4.44 12.96 9.13
N ARG A 42 3.71 12.58 10.18
CA ARG A 42 4.26 12.50 11.53
C ARG A 42 5.31 11.40 11.71
N SER A 43 6.10 11.52 12.77
CA SER A 43 7.22 10.63 13.06
C SER A 43 6.80 9.22 13.51
N ARG A 44 5.55 8.86 13.24
CA ARG A 44 4.97 7.54 13.57
C ARG A 44 4.75 7.32 15.07
N GLU A 45 3.74 6.51 15.40
CA GLU A 45 3.40 6.19 16.78
C GLU A 45 3.07 4.70 16.95
N PRO A 46 3.42 4.13 18.13
CA PRO A 46 3.00 2.76 18.44
C PRO A 46 1.49 2.62 18.44
N SER A 47 0.99 1.70 17.62
CA SER A 47 -0.46 1.53 17.41
C SER A 47 -1.16 0.91 18.62
N PRO A 48 -2.29 1.51 19.05
CA PRO A 48 -3.09 0.97 20.15
C PRO A 48 -3.91 -0.25 19.73
N LYS A 49 -4.96 -0.57 20.48
CA LYS A 49 -5.87 -1.64 20.12
C LYS A 49 -6.99 -1.11 19.24
N THR A 50 -7.12 0.22 19.18
CA THR A 50 -8.11 0.89 18.36
C THR A 50 -7.50 1.48 17.09
N GLU A 51 -7.65 0.76 15.98
CA GLU A 51 -7.29 1.28 14.66
C GLU A 51 -8.43 2.17 14.19
N ASP A 52 -8.11 3.44 13.92
CA ASP A 52 -9.10 4.47 13.64
C ASP A 52 -9.88 4.22 12.33
N ASN A 53 -11.18 4.50 12.37
CA ASN A 53 -12.06 4.31 11.22
C ASN A 53 -12.89 5.57 10.94
N GLU A 54 -12.55 6.28 9.87
CA GLU A 54 -13.21 7.53 9.51
C GLU A 54 -13.28 7.80 8.00
N GLY A 55 -14.23 8.64 7.62
CA GLY A 55 -14.40 9.05 6.24
C GLY A 55 -15.84 9.49 6.01
N VAL A 56 -16.16 9.89 4.79
CA VAL A 56 -17.55 10.19 4.45
C VAL A 56 -17.98 9.49 3.16
N LEU A 57 -19.24 9.09 3.13
CA LEU A 57 -19.82 8.44 1.96
C LEU A 57 -20.78 9.37 1.26
N LEU A 58 -20.57 9.55 -0.03
CA LEU A 58 -21.25 10.57 -0.84
C LEU A 58 -22.50 10.06 -1.54
N THR A 59 -22.75 8.76 -1.44
CA THR A 59 -23.94 8.16 -2.03
C THR A 59 -24.61 7.16 -1.08
N GLU A 60 -25.93 7.05 -1.22
CA GLU A 60 -26.72 6.12 -0.40
C GLU A 60 -26.54 4.66 -0.82
N LYS A 61 -25.81 4.44 -1.91
CA LYS A 61 -25.48 3.10 -2.39
C LYS A 61 -24.39 2.45 -1.51
N LEU A 62 -23.65 3.28 -0.79
CA LEU A 62 -22.66 2.82 0.18
C LEU A 62 -23.06 3.32 1.56
N LYS A 63 -23.42 2.41 2.45
CA LYS A 63 -23.96 2.77 3.76
C LYS A 63 -23.06 2.33 4.90
N PRO A 64 -22.65 3.29 5.76
CA PRO A 64 -21.99 2.89 7.00
C PRO A 64 -23.02 2.36 7.99
N VAL A 65 -22.66 1.33 8.73
CA VAL A 65 -23.52 0.83 9.81
C VAL A 65 -22.90 1.20 11.15
N ASP A 66 -23.68 1.89 11.98
CA ASP A 66 -23.23 2.39 13.28
C ASP A 66 -21.92 3.19 13.18
N TYR A 67 -21.84 4.03 12.14
CA TYR A 67 -20.71 4.94 11.90
C TYR A 67 -19.38 4.22 11.65
N GLU A 68 -19.47 3.03 11.07
CA GLU A 68 -18.30 2.24 10.70
C GLU A 68 -18.40 1.73 9.28
N TYR A 69 -17.24 1.62 8.62
CA TYR A 69 -17.16 1.09 7.27
C TYR A 69 -15.77 0.49 7.06
N ARG A 70 -15.67 -0.82 7.27
CA ARG A 70 -14.40 -1.53 7.28
C ARG A 70 -14.40 -2.68 6.28
N GLU A 71 -13.23 -2.94 5.69
CA GLU A 71 -13.06 -4.03 4.74
C GLU A 71 -13.28 -5.38 5.43
N GLU A 72 -13.82 -6.34 4.67
CA GLU A 72 -14.13 -7.69 5.16
C GLU A 72 -15.19 -7.75 6.27
N VAL A 73 -15.88 -6.63 6.49
CA VAL A 73 -17.00 -6.57 7.44
C VAL A 73 -18.23 -5.98 6.75
N HIS A 74 -18.11 -4.76 6.24
CA HIS A 74 -19.23 -4.07 5.60
C HIS A 74 -19.12 -4.08 4.10
N TRP A 75 -17.90 -4.39 3.62
CA TRP A 75 -17.61 -4.46 2.18
C TRP A 75 -16.39 -5.30 1.92
N ALA A 76 -16.22 -5.75 0.68
CA ALA A 76 -15.08 -6.59 0.29
C ALA A 76 -14.74 -6.46 -1.19
N THR A 77 -13.50 -6.79 -1.54
CA THR A 77 -13.04 -6.73 -2.94
C THR A 77 -13.30 -8.03 -3.69
N HIS A 78 -13.34 -7.94 -5.02
CA HIS A 78 -13.58 -9.10 -5.89
C HIS A 78 -12.32 -9.61 -6.53
N GLN A 79 -12.47 -10.68 -7.30
CA GLN A 79 -11.37 -11.33 -8.02
C GLN A 79 -10.65 -10.43 -9.02
N LEU A 80 -9.31 -10.47 -8.95
CA LEU A 80 -8.41 -9.77 -9.88
C LEU A 80 -8.48 -8.24 -9.80
N ARG A 81 -7.32 -7.61 -9.61
CA ARG A 81 -7.24 -6.15 -9.57
C ARG A 81 -7.52 -5.51 -10.93
N LEU A 82 -8.25 -4.40 -10.92
CA LEU A 82 -8.61 -3.67 -12.14
C LEU A 82 -7.42 -2.96 -12.75
N GLY A 83 -6.41 -2.67 -11.92
CA GLY A 83 -5.21 -2.02 -12.36
C GLY A 83 -4.40 -1.46 -11.20
N ARG A 84 -3.18 -1.04 -11.50
CA ARG A 84 -2.32 -0.42 -10.52
C ARG A 84 -1.39 0.57 -11.20
N GLY A 85 -1.25 1.75 -10.60
CA GLY A 85 -0.27 2.73 -11.04
C GLY A 85 0.89 2.80 -10.08
N SER A 86 1.40 4.02 -9.88
CA SER A 86 2.56 4.26 -9.03
C SER A 86 2.19 4.53 -7.57
N PHE A 87 0.90 4.73 -7.30
CA PHE A 87 0.45 5.15 -5.98
C PHE A 87 -0.74 4.36 -5.43
N GLY A 88 -1.56 3.81 -6.33
CA GLY A 88 -2.76 3.07 -5.91
C GLY A 88 -3.05 1.75 -6.61
N GLU A 89 -3.60 0.79 -5.85
CA GLU A 89 -4.13 -0.45 -6.40
C GLU A 89 -5.65 -0.35 -6.46
N VAL A 90 -6.23 -0.68 -7.62
CA VAL A 90 -7.68 -0.57 -7.80
C VAL A 90 -8.34 -1.95 -7.95
N HIS A 91 -9.42 -2.16 -7.21
CA HIS A 91 -10.15 -3.44 -7.20
C HIS A 91 -11.63 -3.25 -7.35
N ARG A 92 -12.31 -4.32 -7.77
CA ARG A 92 -13.78 -4.37 -7.75
C ARG A 92 -14.28 -4.48 -6.32
N MET A 93 -15.43 -3.87 -6.04
CA MET A 93 -15.92 -3.71 -4.67
C MET A 93 -17.41 -4.01 -4.56
N GLU A 94 -17.80 -4.64 -3.46
CA GLU A 94 -19.21 -4.87 -3.16
C GLU A 94 -19.52 -4.54 -1.71
N ASP A 95 -20.52 -3.68 -1.51
CA ASP A 95 -21.04 -3.39 -0.18
C ASP A 95 -21.93 -4.56 0.25
N LYS A 96 -21.61 -5.15 1.39
CA LYS A 96 -22.27 -6.39 1.85
C LYS A 96 -23.76 -6.24 2.15
N GLN A 97 -24.19 -5.03 2.51
CA GLN A 97 -25.60 -4.76 2.82
C GLN A 97 -26.41 -4.40 1.58
N THR A 98 -25.95 -3.40 0.82
CA THR A 98 -26.66 -2.90 -0.35
C THR A 98 -26.53 -3.84 -1.55
N GLY A 99 -25.37 -4.48 -1.66
CA GLY A 99 -25.07 -5.34 -2.81
C GLY A 99 -24.58 -4.56 -4.02
N PHE A 100 -24.28 -3.28 -3.81
CA PHE A 100 -23.84 -2.39 -4.89
C PHE A 100 -22.39 -2.60 -5.30
N GLN A 101 -22.14 -2.55 -6.60
CA GLN A 101 -20.81 -2.76 -7.18
C GLN A 101 -20.15 -1.44 -7.56
N CYS A 102 -18.88 -1.28 -7.17
CA CYS A 102 -18.08 -0.11 -7.55
C CYS A 102 -16.58 -0.42 -7.52
N ALA A 103 -15.75 0.62 -7.55
CA ALA A 103 -14.29 0.46 -7.52
C ALA A 103 -13.65 1.03 -6.26
N VAL A 104 -12.57 0.43 -5.81
CA VAL A 104 -11.75 0.96 -4.71
C VAL A 104 -10.35 1.23 -5.19
N LYS A 105 -9.83 2.40 -4.86
CA LYS A 105 -8.41 2.68 -5.01
C LYS A 105 -7.79 2.65 -3.61
N LYS A 106 -6.80 1.78 -3.42
CA LYS A 106 -6.10 1.65 -2.15
C LYS A 106 -4.83 2.49 -2.14
N VAL A 107 -4.79 3.45 -1.22
CA VAL A 107 -3.65 4.35 -1.11
C VAL A 107 -3.19 4.36 0.35
N ARG A 108 -1.89 4.35 0.57
CA ARG A 108 -1.33 4.53 1.90
C ARG A 108 -1.45 5.97 2.35
N LEU A 109 -1.65 6.17 3.65
CA LEU A 109 -1.78 7.49 4.25
C LEU A 109 -0.57 8.39 3.96
N GLU A 110 0.61 7.77 3.89
CA GLU A 110 1.87 8.48 3.75
C GLU A 110 2.08 9.08 2.35
N VAL A 111 1.30 8.60 1.37
CA VAL A 111 1.38 9.11 0.00
C VAL A 111 0.10 9.83 -0.46
N PHE A 112 -0.92 9.79 0.39
CA PHE A 112 -2.21 10.42 0.08
C PHE A 112 -2.12 11.95 0.06
N ARG A 113 -2.70 12.54 -0.98
CA ARG A 113 -2.85 13.98 -1.12
C ARG A 113 -4.33 14.31 -1.15
N ALA A 114 -4.74 15.31 -0.36
CA ALA A 114 -6.15 15.68 -0.26
C ALA A 114 -6.71 16.24 -1.57
N GLU A 115 -5.82 16.70 -2.45
CA GLU A 115 -6.19 17.26 -3.75
C GLU A 115 -6.83 16.21 -4.67
N GLU A 116 -6.55 14.93 -4.45
CA GLU A 116 -7.14 13.85 -5.23
C GLU A 116 -8.66 13.79 -5.07
N LEU A 117 -9.14 14.11 -3.87
CA LEU A 117 -10.56 14.15 -3.59
C LEU A 117 -11.16 15.54 -3.85
N MET A 118 -10.40 16.59 -3.53
CA MET A 118 -10.80 17.97 -3.82
C MET A 118 -11.12 18.17 -5.30
N ALA A 119 -10.46 17.40 -6.16
CA ALA A 119 -10.57 17.55 -7.61
C ALA A 119 -11.78 16.88 -8.25
N CYS A 120 -12.43 15.97 -7.54
CA CYS A 120 -13.56 15.24 -8.11
C CYS A 120 -14.77 15.04 -7.20
N ALA A 121 -14.66 15.46 -5.93
CA ALA A 121 -15.77 15.32 -4.99
C ALA A 121 -16.89 16.32 -5.27
N GLY A 122 -18.08 15.80 -5.51
CA GLY A 122 -19.27 16.62 -5.76
C GLY A 122 -19.43 17.06 -7.20
N LEU A 123 -18.32 17.11 -7.93
CA LEU A 123 -18.31 17.51 -9.34
C LEU A 123 -19.15 16.57 -10.19
N THR A 124 -19.95 17.15 -11.09
CA THR A 124 -20.84 16.37 -11.96
C THR A 124 -20.53 16.61 -13.44
N SER A 125 -19.77 15.68 -14.01
CA SER A 125 -19.44 15.70 -15.42
C SER A 125 -19.28 14.26 -15.91
N PRO A 126 -19.94 13.93 -17.04
CA PRO A 126 -19.80 12.58 -17.62
C PRO A 126 -18.36 12.27 -18.02
N ARG A 127 -17.51 13.30 -18.06
CA ARG A 127 -16.12 13.18 -18.47
C ARG A 127 -15.16 13.12 -17.28
N ILE A 128 -15.72 13.03 -16.08
CA ILE A 128 -14.95 12.89 -14.85
C ILE A 128 -15.62 11.82 -13.98
N VAL A 129 -14.85 10.80 -13.58
CA VAL A 129 -15.41 9.70 -12.77
C VAL A 129 -16.09 10.20 -11.50
N PRO A 130 -17.34 9.76 -11.26
CA PRO A 130 -18.03 10.06 -10.01
C PRO A 130 -17.28 9.48 -8.81
N LEU A 131 -17.14 10.29 -7.76
CA LEU A 131 -16.55 9.84 -6.50
C LEU A 131 -17.66 9.47 -5.53
N TYR A 132 -17.61 8.23 -5.04
CA TYR A 132 -18.64 7.74 -4.12
C TYR A 132 -18.29 8.01 -2.67
N GLY A 133 -17.01 8.29 -2.41
CA GLY A 133 -16.55 8.59 -1.06
C GLY A 133 -15.16 8.06 -0.81
N ALA A 134 -14.71 8.18 0.43
CA ALA A 134 -13.41 7.67 0.86
C ALA A 134 -13.41 7.43 2.36
N VAL A 135 -12.92 6.28 2.78
CA VAL A 135 -12.78 5.97 4.21
C VAL A 135 -11.39 5.46 4.54
N ARG A 136 -10.97 5.78 5.77
CA ARG A 136 -9.66 5.48 6.29
C ARG A 136 -9.78 4.36 7.32
N GLU A 137 -8.89 3.37 7.23
CA GLU A 137 -8.72 2.35 8.26
C GLU A 137 -7.28 2.41 8.74
N GLY A 138 -7.02 3.30 9.70
CA GLY A 138 -5.66 3.56 10.15
C GLY A 138 -4.87 4.24 9.05
N PRO A 139 -3.74 3.62 8.65
CA PRO A 139 -2.92 4.16 7.55
C PRO A 139 -3.40 3.73 6.17
N TRP A 140 -4.53 3.03 6.10
CA TRP A 140 -5.06 2.50 4.84
C TRP A 140 -6.21 3.34 4.34
N VAL A 141 -5.99 4.07 3.25
CA VAL A 141 -7.03 4.90 2.63
C VAL A 141 -7.72 4.16 1.47
N ASN A 142 -9.04 4.18 1.47
CA ASN A 142 -9.84 3.57 0.40
C ASN A 142 -10.67 4.62 -0.32
N ILE A 143 -10.43 4.77 -1.62
CA ILE A 143 -11.18 5.73 -2.44
C ILE A 143 -12.20 5.01 -3.32
N PHE A 144 -13.49 5.26 -3.04
CA PHE A 144 -14.59 4.64 -3.78
C PHE A 144 -15.07 5.51 -4.94
N MET A 145 -15.28 4.88 -6.09
CA MET A 145 -15.70 5.57 -7.30
C MET A 145 -16.48 4.63 -8.21
N GLU A 146 -17.06 5.19 -9.28
CA GLU A 146 -17.76 4.40 -10.26
C GLU A 146 -16.83 3.42 -10.94
N LEU A 147 -17.31 2.18 -11.06
CA LEU A 147 -16.61 1.16 -11.81
C LEU A 147 -16.88 1.33 -13.30
N LEU A 148 -15.81 1.38 -14.09
CA LEU A 148 -15.92 1.40 -15.54
C LEU A 148 -15.30 0.13 -16.13
N GLU A 149 -16.13 -0.61 -16.87
CA GLU A 149 -15.83 -1.99 -17.24
C GLU A 149 -14.99 -2.14 -18.50
N GLY A 150 -14.77 -1.03 -19.20
CA GLY A 150 -14.03 -1.06 -20.48
C GLY A 150 -12.53 -0.95 -20.31
N GLY A 151 -12.08 -0.77 -19.08
CA GLY A 151 -10.65 -0.60 -18.78
C GLY A 151 -10.19 0.81 -19.13
N SER A 152 -8.88 1.02 -19.07
CA SER A 152 -8.32 2.33 -19.35
C SER A 152 -7.99 2.50 -20.83
N LEU A 153 -7.85 3.74 -21.26
CA LEU A 153 -7.40 4.06 -22.61
C LEU A 153 -5.99 3.52 -22.86
N GLY A 154 -5.19 3.47 -21.80
CA GLY A 154 -3.85 2.88 -21.85
C GLY A 154 -3.87 1.39 -22.12
N GLN A 155 -4.85 0.69 -21.52
CA GLN A 155 -5.08 -0.74 -21.78
C GLN A 155 -5.48 -0.94 -23.24
N LEU A 156 -6.41 -0.10 -23.69
CA LEU A 156 -6.96 -0.16 -25.04
C LEU A 156 -5.88 0.05 -26.10
N VAL A 157 -5.00 1.02 -25.89
CA VAL A 157 -3.92 1.30 -26.85
C VAL A 157 -2.84 0.22 -26.88
N LYS A 158 -2.60 -0.42 -25.73
CA LYS A 158 -1.64 -1.53 -25.64
C LYS A 158 -2.14 -2.77 -26.40
N GLU A 159 -3.45 -3.02 -26.31
CA GLU A 159 -4.07 -4.16 -26.98
C GLU A 159 -4.23 -3.94 -28.49
N GLN A 160 -4.64 -2.72 -28.87
CA GLN A 160 -4.86 -2.39 -30.29
C GLN A 160 -3.57 -2.02 -31.02
N GLY A 161 -2.52 -1.69 -30.27
CA GLY A 161 -1.26 -1.23 -30.86
C GLY A 161 -1.26 0.27 -30.95
N CYS A 162 -2.18 0.80 -31.76
CA CYS A 162 -2.55 2.22 -31.76
C CYS A 162 -3.98 2.35 -32.30
N LEU A 163 -4.54 3.55 -32.16
CA LEU A 163 -5.93 3.78 -32.54
C LEU A 163 -6.02 4.45 -33.90
N PRO A 164 -7.12 4.17 -34.64
CA PRO A 164 -7.36 4.92 -35.87
C PRO A 164 -7.58 6.40 -35.55
N GLU A 165 -7.29 7.26 -36.52
CA GLU A 165 -7.37 8.71 -36.33
C GLU A 165 -8.66 9.19 -35.66
N ASP A 166 -9.79 8.70 -36.15
CA ASP A 166 -11.11 9.09 -35.62
C ASP A 166 -11.31 8.72 -34.16
N ARG A 167 -10.88 7.52 -33.78
CA ARG A 167 -10.97 7.03 -32.39
C ARG A 167 -10.17 7.90 -31.44
N ALA A 168 -8.93 8.20 -31.82
CA ALA A 168 -8.02 8.99 -31.00
C ALA A 168 -8.59 10.38 -30.76
N LEU A 169 -9.07 11.02 -31.83
CA LEU A 169 -9.74 12.33 -31.76
C LEU A 169 -10.96 12.30 -30.84
N TYR A 170 -11.78 11.26 -31.02
CA TYR A 170 -13.00 11.08 -30.24
C TYR A 170 -12.75 11.03 -28.73
N TYR A 171 -11.67 10.38 -28.33
CA TYR A 171 -11.32 10.28 -26.91
C TYR A 171 -10.64 11.54 -26.38
N LEU A 172 -9.77 12.13 -27.19
CA LEU A 172 -9.14 13.40 -26.84
C LEU A 172 -10.22 14.45 -26.57
N GLY A 173 -11.21 14.54 -27.46
CA GLY A 173 -12.34 15.44 -27.32
C GLY A 173 -13.03 15.30 -25.98
N GLN A 174 -13.38 14.07 -25.63
CA GLN A 174 -14.01 13.77 -24.34
C GLN A 174 -13.12 14.12 -23.15
N ALA A 175 -11.82 13.85 -23.27
CA ALA A 175 -10.86 14.17 -22.22
C ALA A 175 -10.70 15.68 -22.06
N LEU A 176 -10.69 16.39 -23.19
CA LEU A 176 -10.62 17.86 -23.20
C LEU A 176 -11.88 18.53 -22.66
N GLU A 177 -13.01 17.82 -22.73
CA GLU A 177 -14.25 18.29 -22.11
C GLU A 177 -14.17 18.17 -20.59
N GLY A 178 -13.50 17.12 -20.11
CA GLY A 178 -13.26 16.92 -18.69
C GLY A 178 -12.25 17.92 -18.14
N LEU A 179 -11.17 18.13 -18.90
CA LEU A 179 -10.13 19.10 -18.56
C LEU A 179 -10.67 20.52 -18.41
N GLU A 180 -11.58 20.91 -19.31
CA GLU A 180 -12.19 22.23 -19.29
C GLU A 180 -13.07 22.43 -18.04
N TYR A 181 -13.90 21.43 -17.76
CA TYR A 181 -14.75 21.40 -16.56
C TYR A 181 -13.92 21.64 -15.29
N LEU A 182 -12.74 21.02 -15.23
CA LEU A 182 -11.82 21.16 -14.11
C LEU A 182 -11.17 22.55 -14.04
N HIS A 183 -10.74 23.06 -15.19
CA HIS A 183 -10.03 24.34 -15.25
C HIS A 183 -10.90 25.51 -14.89
N SER A 184 -12.20 25.39 -15.18
CA SER A 184 -13.17 26.42 -14.82
C SER A 184 -13.40 26.45 -13.31
N ARG A 185 -13.20 25.30 -12.66
CA ARG A 185 -13.27 25.18 -11.21
C ARG A 185 -11.89 25.38 -10.57
N ARG A 186 -10.95 25.87 -11.37
CA ARG A 186 -9.58 26.22 -10.93
C ARG A 186 -8.79 25.01 -10.42
N ILE A 187 -8.89 23.88 -11.11
CA ILE A 187 -8.18 22.67 -10.74
C ILE A 187 -7.41 22.06 -11.91
N LEU A 188 -6.11 21.89 -11.69
CA LEU A 188 -5.20 21.24 -12.64
C LEU A 188 -5.25 19.73 -12.39
N HIS A 189 -5.16 18.93 -13.45
CA HIS A 189 -5.17 17.47 -13.32
C HIS A 189 -3.85 16.93 -12.85
N GLY A 190 -2.78 17.22 -13.59
CA GLY A 190 -1.42 16.90 -13.15
C GLY A 190 -0.78 15.70 -13.83
N ASP A 191 -1.61 14.73 -14.22
CA ASP A 191 -1.13 13.46 -14.74
C ASP A 191 -2.04 12.92 -15.85
N VAL A 192 -2.44 13.79 -16.77
CA VAL A 192 -3.30 13.35 -17.87
C VAL A 192 -2.52 12.54 -18.89
N LYS A 193 -2.95 11.29 -19.05
CA LYS A 193 -2.37 10.34 -19.98
C LYS A 193 -3.37 9.19 -20.15
N ALA A 194 -3.11 8.31 -21.12
CA ALA A 194 -4.06 7.25 -21.48
C ALA A 194 -4.41 6.29 -20.33
N ASP A 195 -3.42 5.97 -19.49
CA ASP A 195 -3.66 5.14 -18.30
C ASP A 195 -4.68 5.77 -17.35
N ASN A 196 -4.81 7.09 -17.38
CA ASN A 196 -5.68 7.81 -16.44
C ASN A 196 -7.02 8.28 -16.99
N VAL A 197 -7.41 7.71 -18.13
CA VAL A 197 -8.75 7.93 -18.68
C VAL A 197 -9.47 6.59 -18.86
N LEU A 198 -10.60 6.47 -18.18
CA LEU A 198 -11.38 5.23 -18.16
C LEU A 198 -12.41 5.19 -19.28
N LEU A 199 -12.69 3.99 -19.76
CA LEU A 199 -13.61 3.78 -20.88
C LEU A 199 -14.80 2.92 -20.48
N SER A 200 -15.93 3.14 -21.17
CA SER A 200 -17.13 2.32 -20.98
C SER A 200 -16.94 0.94 -21.59
N SER A 201 -17.82 0.01 -21.19
CA SER A 201 -17.86 -1.34 -21.76
C SER A 201 -17.96 -1.31 -23.29
N ASP A 202 -18.89 -0.53 -23.82
CA ASP A 202 -19.07 -0.39 -25.27
C ASP A 202 -18.10 0.61 -25.91
N GLY A 203 -17.24 1.22 -25.09
CA GLY A 203 -16.18 2.11 -25.56
C GLY A 203 -16.60 3.50 -26.00
N SER A 204 -17.87 3.82 -25.79
CA SER A 204 -18.46 5.07 -26.27
C SER A 204 -18.19 6.26 -25.34
N HIS A 205 -18.03 6.00 -24.05
CA HIS A 205 -17.79 7.05 -23.06
C HIS A 205 -16.42 6.96 -22.47
N ALA A 206 -15.77 8.11 -22.33
CA ALA A 206 -14.49 8.23 -21.65
C ALA A 206 -14.61 9.18 -20.47
N ALA A 207 -13.89 8.89 -19.39
CA ALA A 207 -13.91 9.71 -18.18
C ALA A 207 -12.51 9.83 -17.58
N LEU A 208 -12.17 11.03 -17.10
CA LEU A 208 -10.89 11.26 -16.45
C LEU A 208 -10.87 10.66 -15.05
N CYS A 209 -9.78 9.98 -14.72
CA CYS A 209 -9.58 9.45 -13.38
C CYS A 209 -8.19 9.82 -12.88
N ASP A 210 -7.89 9.40 -11.65
CA ASP A 210 -6.56 9.56 -11.05
C ASP A 210 -6.14 11.02 -10.93
N PHE A 211 -6.61 11.66 -9.87
CA PHE A 211 -6.30 13.06 -9.59
C PHE A 211 -5.23 13.19 -8.49
N GLY A 212 -4.34 12.21 -8.43
CA GLY A 212 -3.28 12.19 -7.41
C GLY A 212 -2.23 13.28 -7.54
N HIS A 213 -2.14 13.88 -8.72
CA HIS A 213 -1.20 14.99 -8.98
C HIS A 213 -1.92 16.29 -9.19
N ALA A 214 -3.18 16.34 -8.78
CA ALA A 214 -4.00 17.56 -8.90
C ALA A 214 -3.48 18.68 -8.01
N VAL A 215 -3.70 19.92 -8.46
CA VAL A 215 -3.28 21.12 -7.73
C VAL A 215 -4.24 22.28 -8.03
N CYS A 216 -4.58 23.03 -6.98
CA CYS A 216 -5.47 24.21 -7.11
C CYS A 216 -4.77 25.40 -7.76
N LEU A 217 -5.53 26.16 -8.55
CA LEU A 217 -4.99 27.35 -9.23
C LEU A 217 -5.43 28.63 -8.52
N GLN A 218 -4.45 29.50 -8.25
CA GLN A 218 -4.66 30.80 -7.59
C GLN A 218 -5.66 30.75 -6.43
N ILE A 232 4.04 18.79 -8.40
CA ILE A 232 4.76 17.67 -8.98
C ILE A 232 3.96 17.07 -10.14
N PRO A 233 4.61 16.93 -11.33
CA PRO A 233 3.99 16.27 -12.48
C PRO A 233 4.02 14.75 -12.36
N GLY A 234 3.08 14.08 -13.02
CA GLY A 234 2.91 12.64 -12.89
C GLY A 234 3.86 11.79 -13.71
N THR A 235 3.99 12.14 -14.99
CA THR A 235 4.72 11.31 -15.96
C THR A 235 5.69 12.16 -16.78
N GLU A 236 6.93 11.70 -16.85
CA GLU A 236 8.02 12.43 -17.49
C GLU A 236 7.76 12.71 -18.97
N THR A 237 7.39 11.67 -19.72
CA THR A 237 7.12 11.79 -21.17
C THR A 237 6.02 12.79 -21.52
N HIS A 238 5.20 13.14 -20.53
CA HIS A 238 4.02 13.98 -20.75
C HIS A 238 4.16 15.35 -20.13
N MET A 239 5.37 15.69 -19.70
CA MET A 239 5.65 16.96 -19.03
C MET A 239 5.79 18.11 -20.01
N ALA A 240 5.08 19.20 -19.73
CA ALA A 240 5.20 20.44 -20.48
C ALA A 240 6.53 21.13 -20.18
N PRO A 241 7.11 21.84 -21.17
CA PRO A 241 8.45 22.43 -21.01
C PRO A 241 8.58 23.39 -19.82
N GLU A 242 7.51 24.13 -19.52
CA GLU A 242 7.51 25.10 -18.43
C GLU A 242 7.56 24.45 -17.04
N VAL A 243 7.14 23.18 -16.94
CA VAL A 243 7.29 22.41 -15.70
C VAL A 243 8.76 22.00 -15.56
N VAL A 244 9.28 21.39 -16.62
CA VAL A 244 10.67 20.94 -16.68
C VAL A 244 11.66 22.07 -16.36
N LEU A 245 11.43 23.25 -16.95
CA LEU A 245 12.30 24.40 -16.77
C LEU A 245 12.15 25.06 -15.40
N GLY A 246 11.19 24.59 -14.61
CA GLY A 246 10.95 25.11 -13.26
C GLY A 246 10.28 26.48 -13.26
N ARG A 247 9.66 26.84 -14.38
CA ARG A 247 8.97 28.12 -14.52
C ARG A 247 7.57 28.07 -13.90
N SER A 248 6.78 29.13 -14.11
CA SER A 248 5.42 29.19 -13.61
C SER A 248 4.48 28.33 -14.46
N CYS A 249 3.55 27.64 -13.79
CA CYS A 249 2.66 26.69 -14.44
C CYS A 249 1.18 26.96 -14.16
N ASP A 250 0.36 26.82 -15.20
CA ASP A 250 -1.10 26.90 -15.06
C ASP A 250 -1.78 25.71 -15.77
N ALA A 251 -3.07 25.87 -16.06
CA ALA A 251 -3.90 24.81 -16.68
C ALA A 251 -3.38 24.29 -18.03
N LYS A 252 -2.49 25.05 -18.66
CA LYS A 252 -1.96 24.71 -19.98
C LYS A 252 -1.09 23.47 -19.97
N VAL A 253 -0.65 23.07 -18.77
CA VAL A 253 0.15 21.86 -18.57
C VAL A 253 -0.67 20.61 -18.91
N ASP A 254 -1.96 20.64 -18.60
CA ASP A 254 -2.86 19.54 -18.92
C ASP A 254 -3.12 19.40 -20.42
N VAL A 255 -3.14 20.52 -21.14
CA VAL A 255 -3.39 20.50 -22.58
C VAL A 255 -2.18 19.98 -23.36
N TRP A 256 -0.98 20.29 -22.88
CA TRP A 256 0.25 19.69 -23.42
C TRP A 256 0.25 18.20 -23.19
N SER A 257 -0.05 17.80 -21.95
CA SER A 257 -0.15 16.38 -21.58
C SER A 257 -1.16 15.62 -22.44
N SER A 258 -2.27 16.29 -22.77
CA SER A 258 -3.33 15.67 -23.56
C SER A 258 -2.91 15.42 -25.00
N CYS A 259 -2.02 16.26 -25.53
CA CYS A 259 -1.49 16.10 -26.88
C CYS A 259 -0.36 15.08 -26.95
N CYS A 260 0.35 14.93 -25.83
CA CYS A 260 1.28 13.81 -25.65
C CYS A 260 0.53 12.48 -25.60
N MET A 261 -0.64 12.49 -24.96
CA MET A 261 -1.54 11.33 -24.96
C MET A 261 -2.06 11.04 -26.36
N MET A 262 -2.39 12.09 -27.11
CA MET A 262 -2.86 11.96 -28.49
C MET A 262 -1.83 11.27 -29.40
N LEU A 263 -0.56 11.68 -29.29
CA LEU A 263 0.53 11.07 -30.06
C LEU A 263 0.75 9.62 -29.64
N HIS A 264 0.58 9.35 -28.35
CA HIS A 264 0.65 7.99 -27.82
C HIS A 264 -0.45 7.14 -28.42
N MET A 265 -1.63 7.72 -28.60
CA MET A 265 -2.76 7.01 -29.20
C MET A 265 -2.59 6.75 -30.70
N LEU A 266 -1.97 7.70 -31.39
CA LEU A 266 -1.77 7.59 -32.83
C LEU A 266 -0.57 6.70 -33.16
N ASN A 267 0.49 6.83 -32.38
CA ASN A 267 1.75 6.11 -32.63
C ASN A 267 1.88 4.76 -31.92
N GLY A 268 1.14 4.58 -30.84
CA GLY A 268 1.27 3.39 -30.01
C GLY A 268 2.44 3.46 -29.03
N CYS A 269 3.16 4.59 -29.04
CA CYS A 269 4.25 4.83 -28.11
C CYS A 269 4.24 6.27 -27.61
N HIS A 270 4.73 6.46 -26.39
CA HIS A 270 4.90 7.78 -25.79
C HIS A 270 5.79 8.64 -26.65
N PRO A 271 5.61 9.98 -26.60
CA PRO A 271 6.57 10.89 -27.22
C PRO A 271 7.97 10.69 -26.67
N TRP A 272 8.97 11.19 -27.41
CA TRP A 272 10.38 11.20 -26.97
C TRP A 272 11.06 9.85 -26.92
N THR A 273 10.33 8.84 -26.45
CA THR A 273 10.90 7.52 -26.09
C THR A 273 11.66 6.83 -27.22
N GLN A 274 11.04 6.74 -28.39
CA GLN A 274 11.66 6.06 -29.53
C GLN A 274 12.80 6.88 -30.17
N PHE A 275 13.16 7.98 -29.53
CA PHE A 275 14.20 8.87 -30.05
C PHE A 275 15.30 9.18 -29.03
N PHE A 276 14.96 9.15 -27.75
CA PHE A 276 15.92 9.50 -26.69
C PHE A 276 15.88 8.52 -25.51
N ARG A 277 16.97 8.49 -24.75
CA ARG A 277 17.03 7.70 -23.52
C ARG A 277 17.13 8.62 -22.29
N GLY A 278 16.39 8.27 -21.24
CA GLY A 278 16.20 9.13 -20.07
C GLY A 278 17.45 9.58 -19.33
N PRO A 279 17.35 10.66 -18.54
CA PRO A 279 16.15 11.46 -18.28
C PRO A 279 15.81 12.39 -19.45
N LEU A 280 14.51 12.65 -19.62
CA LEU A 280 14.00 13.37 -20.79
C LEU A 280 13.81 14.86 -20.54
N CYS A 281 13.94 15.28 -19.28
CA CYS A 281 13.76 16.68 -18.89
C CYS A 281 14.55 17.64 -19.78
N LEU A 282 15.82 17.31 -20.03
CA LEU A 282 16.67 18.11 -20.89
C LEU A 282 16.08 18.23 -22.30
N LYS A 283 15.65 17.10 -22.85
CA LYS A 283 15.11 17.03 -24.21
C LYS A 283 13.82 17.84 -24.41
N ILE A 284 12.92 17.77 -23.43
CA ILE A 284 11.65 18.48 -23.48
C ILE A 284 11.88 20.00 -23.47
N ALA A 285 12.90 20.43 -22.72
CA ALA A 285 13.27 21.84 -22.65
C ALA A 285 14.12 22.29 -23.83
N SER A 286 15.03 21.43 -24.29
CA SER A 286 15.99 21.79 -25.36
C SER A 286 15.46 21.64 -26.78
N GLU A 287 14.73 20.55 -27.04
CA GLU A 287 14.23 20.24 -28.37
C GLU A 287 13.03 21.11 -28.74
N PRO A 288 12.73 21.25 -30.05
CA PRO A 288 11.44 21.79 -30.45
C PRO A 288 10.31 20.88 -29.97
N PRO A 289 9.05 21.35 -30.00
CA PRO A 289 7.94 20.48 -29.59
C PRO A 289 7.88 19.23 -30.48
N PRO A 290 7.42 18.09 -29.93
CA PRO A 290 7.45 16.82 -30.68
C PRO A 290 6.38 16.72 -31.76
N VAL A 291 6.28 17.76 -32.60
CA VAL A 291 5.31 17.80 -33.70
C VAL A 291 5.74 16.94 -34.88
N ARG A 292 7.03 16.60 -34.93
CA ARG A 292 7.56 15.70 -35.94
C ARG A 292 7.07 14.26 -35.75
N GLU A 293 6.45 14.01 -34.60
CA GLU A 293 5.93 12.68 -34.26
C GLU A 293 4.50 12.49 -34.74
N ILE A 294 3.87 13.57 -35.19
CA ILE A 294 2.55 13.49 -35.82
C ILE A 294 2.69 12.72 -37.13
N PRO A 295 1.90 11.64 -37.30
CA PRO A 295 1.92 10.89 -38.55
C PRO A 295 1.56 11.80 -39.73
N PRO A 296 2.34 11.71 -40.83
CA PRO A 296 2.07 12.52 -42.03
C PRO A 296 0.71 12.22 -42.68
N SER A 297 0.18 11.02 -42.44
CA SER A 297 -1.09 10.59 -43.03
C SER A 297 -2.33 11.18 -42.35
N CYS A 298 -2.11 11.88 -41.23
CA CYS A 298 -3.20 12.53 -40.50
C CYS A 298 -3.80 13.68 -41.30
N ALA A 299 -5.05 14.03 -40.97
CA ALA A 299 -5.76 15.13 -41.61
C ALA A 299 -5.17 16.47 -41.17
N PRO A 300 -5.14 17.47 -42.09
CA PRO A 300 -4.62 18.81 -41.79
C PRO A 300 -5.10 19.37 -40.45
N LEU A 301 -6.39 19.25 -40.18
CA LEU A 301 -6.97 19.75 -38.93
C LEU A 301 -6.45 19.00 -37.70
N THR A 302 -6.35 17.67 -37.81
CA THR A 302 -5.79 16.82 -36.74
C THR A 302 -4.38 17.27 -36.35
N ALA A 303 -3.52 17.42 -37.36
CA ALA A 303 -2.14 17.86 -37.15
C ALA A 303 -2.07 19.28 -36.59
N GLN A 304 -3.01 20.12 -36.99
CA GLN A 304 -3.02 21.53 -36.59
C GLN A 304 -3.38 21.70 -35.11
N ALA A 305 -4.39 20.95 -34.66
CA ALA A 305 -4.82 20.93 -33.27
C ALA A 305 -3.70 20.49 -32.32
N ILE A 306 -2.98 19.43 -32.72
CA ILE A 306 -1.86 18.91 -31.93
C ILE A 306 -0.73 19.94 -31.84
N GLN A 307 -0.39 20.54 -32.98
CA GLN A 307 0.68 21.56 -33.06
C GLN A 307 0.46 22.75 -32.12
N GLU A 308 -0.80 23.18 -31.99
CA GLU A 308 -1.11 24.33 -31.14
C GLU A 308 -1.35 23.95 -29.68
N GLY A 309 -1.57 22.66 -29.45
CA GLY A 309 -1.61 22.11 -28.09
C GLY A 309 -0.20 21.82 -27.59
N LEU A 310 0.72 21.61 -28.52
CA LEU A 310 2.12 21.36 -28.18
C LEU A 310 2.98 22.61 -28.36
N ARG A 311 2.36 23.77 -28.19
CA ARG A 311 3.08 25.03 -28.18
C ARG A 311 3.93 25.09 -26.91
N LYS A 312 5.22 25.37 -27.04
CA LYS A 312 6.14 25.32 -25.90
C LYS A 312 5.86 26.37 -24.83
N GLU A 313 5.53 27.58 -25.26
CA GLU A 313 5.14 28.65 -24.35
C GLU A 313 3.66 28.54 -24.02
N PRO A 314 3.33 28.28 -22.74
CA PRO A 314 1.93 28.09 -22.30
C PRO A 314 1.01 29.26 -22.63
N ILE A 315 1.57 30.48 -22.67
CA ILE A 315 0.80 31.67 -23.04
C ILE A 315 0.29 31.57 -24.48
N HIS A 316 1.15 31.12 -25.40
CA HIS A 316 0.77 30.95 -26.80
C HIS A 316 0.10 29.63 -27.10
N ARG A 317 -0.10 28.83 -26.06
CA ARG A 317 -0.75 27.52 -26.17
C ARG A 317 -2.25 27.65 -25.98
N VAL A 318 -3.01 26.86 -26.74
CA VAL A 318 -4.48 26.86 -26.66
C VAL A 318 -4.97 26.25 -25.36
N SER A 319 -6.12 26.75 -24.89
CA SER A 319 -6.77 26.21 -23.69
C SER A 319 -7.41 24.87 -24.02
N ALA A 320 -7.94 24.20 -22.99
CA ALA A 320 -8.66 22.95 -23.18
C ALA A 320 -9.94 23.16 -23.99
N ALA A 321 -10.59 24.30 -23.78
CA ALA A 321 -11.81 24.68 -24.51
C ALA A 321 -11.52 24.91 -26.00
N GLU A 322 -10.46 25.66 -26.29
CA GLU A 322 -10.06 25.95 -27.67
C GLU A 322 -9.60 24.70 -28.41
N LEU A 323 -8.93 23.81 -27.68
CA LEU A 323 -8.45 22.56 -28.27
C LEU A 323 -9.58 21.59 -28.53
N GLY A 324 -10.53 21.51 -27.58
CA GLY A 324 -11.73 20.67 -27.73
C GLY A 324 -12.53 21.02 -28.97
N GLY A 325 -12.69 22.31 -29.22
CA GLY A 325 -13.33 22.80 -30.43
C GLY A 325 -12.59 22.35 -31.69
N LYS A 326 -11.27 22.52 -31.68
CA LYS A 326 -10.43 22.14 -32.82
C LYS A 326 -10.42 20.64 -33.12
N VAL A 327 -10.53 19.79 -32.09
CA VAL A 327 -10.49 18.35 -32.30
C VAL A 327 -11.85 17.80 -32.74
N ASN A 328 -12.93 18.45 -32.31
CA ASN A 328 -14.27 18.12 -32.76
C ASN A 328 -14.43 18.37 -34.25
N ARG A 329 -13.93 19.52 -34.69
CA ARG A 329 -13.93 19.90 -36.11
C ARG A 329 -13.01 18.99 -36.93
N ALA A 330 -11.92 18.54 -36.31
CA ALA A 330 -11.01 17.58 -36.94
C ALA A 330 -11.65 16.20 -37.06
N LEU A 331 -12.45 15.83 -36.06
CA LEU A 331 -13.23 14.59 -36.10
C LEU A 331 -14.26 14.62 -37.23
N GLN A 332 -14.87 15.79 -37.44
CA GLN A 332 -15.78 16.02 -38.55
C GLN A 332 -15.08 15.92 -39.89
N GLN A 333 -13.85 16.41 -39.95
CA GLN A 333 -13.04 16.38 -41.17
C GLN A 333 -12.75 14.95 -41.64
N VAL A 334 -12.38 14.06 -40.71
CA VAL A 334 -12.10 12.66 -41.05
C VAL A 334 -13.39 11.85 -41.30
N GLY A 335 -14.53 12.43 -40.97
CA GLY A 335 -15.83 11.82 -41.26
C GLY A 335 -16.56 11.23 -40.06
N GLY A 336 -16.31 11.78 -38.87
CA GLY A 336 -16.95 11.30 -37.65
C GLY A 336 -16.41 9.98 -37.13
N LEU A 337 -17.03 9.47 -36.08
CA LEU A 337 -16.64 8.20 -35.47
C LEU A 337 -17.14 7.01 -36.30
N LYS A 338 -16.22 6.41 -37.05
CA LYS A 338 -16.57 5.31 -37.96
C LYS A 338 -15.90 3.99 -37.60
N SER A 339 -14.70 4.07 -37.04
CA SER A 339 -13.93 2.88 -36.67
C SER A 339 -14.60 2.05 -35.58
N PRO A 340 -14.54 0.72 -35.69
CA PRO A 340 -15.20 -0.20 -34.77
C PRO A 340 -14.56 -0.26 -33.39
N TRP A 341 -15.37 -0.52 -32.37
CA TRP A 341 -14.89 -0.73 -31.00
C TRP A 341 -14.07 -1.98 -30.95
N ARG A 342 -12.88 -1.86 -30.35
CA ARG A 342 -11.82 -2.87 -30.45
C ARG A 342 -11.40 -3.00 -31.92
N GLY A 343 -11.25 -4.22 -32.42
CA GLY A 343 -10.93 -4.42 -33.82
C GLY A 343 -9.48 -4.84 -34.08
N GLU A 344 -9.01 -4.58 -35.29
CA GLU A 344 -7.70 -5.09 -35.73
C GLU A 344 -6.51 -4.32 -35.16
N TYR A 345 -5.47 -5.07 -34.83
CA TYR A 345 -4.20 -4.54 -34.35
C TYR A 345 -3.50 -3.70 -35.41
N LYS A 346 -3.02 -2.53 -35.00
CA LYS A 346 -2.22 -1.66 -35.87
C LYS A 346 -0.80 -1.58 -35.33
N GLU A 347 0.17 -1.98 -36.14
CA GLU A 347 1.57 -2.01 -35.72
C GLU A 347 2.11 -0.63 -35.34
N PRO A 348 2.56 -0.47 -34.08
CA PRO A 348 3.12 0.78 -33.59
C PRO A 348 4.35 1.23 -34.38
N ARG A 349 4.58 2.55 -34.43
CA ARG A 349 5.70 3.14 -35.15
C ARG A 349 7.03 2.50 -34.70
N HIS A 350 7.85 2.12 -35.68
CA HIS A 350 9.12 1.43 -35.40
C HIS A 350 10.20 2.38 -34.96
N PRO A 351 10.94 2.03 -33.90
CA PRO A 351 12.08 2.82 -33.45
C PRO A 351 13.32 2.60 -34.33
N VAL B 9 33.65 -1.12 -0.70
CA VAL B 9 33.63 -2.61 -0.73
C VAL B 9 32.20 -3.13 -0.93
N GLU B 10 31.30 -2.72 -0.03
CA GLU B 10 29.89 -3.09 -0.14
C GLU B 10 29.19 -2.28 -1.22
N GLU B 11 29.76 -1.12 -1.56
CA GLU B 11 29.16 -0.18 -2.51
C GLU B 11 29.20 -0.68 -3.96
N TYR B 12 30.24 -1.44 -4.31
CA TYR B 12 30.36 -1.99 -5.65
C TYR B 12 29.45 -3.21 -5.85
N LEU B 13 29.20 -3.94 -4.76
CA LEU B 13 28.30 -5.09 -4.78
C LEU B 13 26.87 -4.64 -5.11
N VAL B 14 26.40 -3.61 -4.41
CA VAL B 14 25.08 -3.03 -4.63
C VAL B 14 24.88 -2.65 -6.09
N HIS B 15 25.84 -1.92 -6.65
CA HIS B 15 25.76 -1.40 -8.02
C HIS B 15 25.48 -2.45 -9.06
N ALA B 16 26.10 -3.61 -8.93
CA ALA B 16 25.89 -4.72 -9.86
C ALA B 16 24.52 -5.37 -9.69
N LEU B 17 24.01 -5.37 -8.46
CA LEU B 17 22.70 -5.97 -8.15
C LEU B 17 21.54 -5.09 -8.61
N GLN B 18 21.75 -3.77 -8.58
CA GLN B 18 20.71 -2.80 -8.93
C GLN B 18 20.21 -2.92 -10.36
N GLY B 19 18.90 -2.75 -10.56
CA GLY B 19 18.29 -2.82 -11.88
C GLY B 19 17.91 -4.22 -12.32
N SER B 20 18.29 -5.21 -11.50
CA SER B 20 18.04 -6.61 -11.80
C SER B 20 17.55 -7.37 -10.57
N VAL B 21 16.80 -8.44 -10.80
CA VAL B 21 16.52 -9.41 -9.75
C VAL B 21 17.30 -10.68 -10.04
N SER B 22 18.12 -11.08 -9.07
CA SER B 22 19.06 -12.18 -9.24
C SER B 22 18.98 -13.18 -8.09
N SER B 23 19.38 -14.41 -8.36
CA SER B 23 19.50 -15.42 -7.33
C SER B 23 20.85 -15.23 -6.64
N GLY B 24 20.82 -14.91 -5.36
CA GLY B 24 22.05 -14.64 -4.60
C GLY B 24 21.98 -15.03 -3.15
N GLN B 25 22.90 -14.49 -2.37
CA GLN B 25 23.03 -14.79 -0.93
C GLN B 25 22.32 -13.74 -0.10
N ALA B 26 22.09 -14.06 1.18
CA ALA B 26 21.36 -13.20 2.10
C ALA B 26 21.93 -11.78 2.22
N HIS B 27 23.25 -11.67 2.26
CA HIS B 27 23.93 -10.36 2.43
C HIS B 27 23.74 -9.45 1.25
N SER B 28 23.51 -10.02 0.07
CA SER B 28 23.24 -9.23 -1.13
C SER B 28 21.86 -8.57 -1.08
N LEU B 29 20.89 -9.29 -0.54
CA LEU B 29 19.55 -8.75 -0.30
C LEU B 29 19.60 -7.64 0.74
N THR B 30 20.33 -7.91 1.82
CA THR B 30 20.55 -6.95 2.91
C THR B 30 21.16 -5.64 2.40
N SER B 31 22.23 -5.75 1.61
CA SER B 31 22.93 -4.61 1.05
C SER B 31 22.04 -3.80 0.09
N LEU B 32 21.23 -4.50 -0.68
CA LEU B 32 20.32 -3.86 -1.64
C LEU B 32 19.15 -3.19 -0.90
N ALA B 33 18.65 -3.86 0.14
CA ALA B 33 17.55 -3.36 0.94
C ALA B 33 17.86 -2.05 1.66
N LYS B 34 19.13 -1.84 1.98
CA LYS B 34 19.57 -0.60 2.62
C LYS B 34 19.38 0.61 1.72
N THR B 35 19.54 0.39 0.42
CA THR B 35 19.39 1.46 -0.58
C THR B 35 17.92 1.77 -0.89
N TRP B 36 17.04 0.84 -0.49
CA TRP B 36 15.60 1.05 -0.65
C TRP B 36 15.05 2.00 0.37
N ALA B 37 15.47 1.82 1.63
CA ALA B 37 15.05 2.68 2.74
C ALA B 37 15.54 4.12 2.55
N ALA B 38 16.75 4.27 2.02
CA ALA B 38 17.31 5.58 1.70
C ALA B 38 16.56 6.24 0.55
N ARG B 39 16.15 5.44 -0.43
CA ARG B 39 15.36 5.90 -1.57
C ARG B 39 13.92 6.25 -1.18
N GLY B 40 13.46 5.66 -0.08
CA GLY B 40 12.11 5.88 0.43
C GLY B 40 11.94 7.19 1.18
N SER B 41 13.05 7.89 1.42
CA SER B 41 13.04 9.20 2.07
C SER B 41 13.20 10.34 1.08
N ARG B 42 13.29 10.01 -0.20
CA ARG B 42 13.46 11.00 -1.27
C ARG B 42 12.15 11.75 -1.56
N SER B 43 12.27 12.84 -2.31
CA SER B 43 11.12 13.65 -2.72
C SER B 43 10.24 12.92 -3.72
N ARG B 44 8.97 13.31 -3.79
CA ARG B 44 8.00 12.71 -4.73
C ARG B 44 8.31 13.13 -6.16
N GLU B 45 8.73 12.16 -6.98
CA GLU B 45 9.18 12.40 -8.35
C GLU B 45 8.18 11.90 -9.39
N PRO B 46 8.23 12.46 -10.62
CA PRO B 46 7.43 11.93 -11.73
C PRO B 46 7.82 10.51 -12.11
N SER B 47 6.82 9.69 -12.43
CA SER B 47 7.04 8.29 -12.79
C SER B 47 7.73 8.15 -14.15
N PRO B 48 8.82 7.34 -14.20
CA PRO B 48 9.59 7.12 -15.42
C PRO B 48 8.85 6.28 -16.45
N LYS B 49 9.46 6.09 -17.62
CA LYS B 49 8.86 5.27 -18.68
C LYS B 49 8.91 3.80 -18.32
N THR B 50 10.07 3.35 -17.85
CA THR B 50 10.23 1.97 -17.37
C THR B 50 10.28 1.93 -15.84
N GLU B 51 9.50 1.04 -15.26
CA GLU B 51 9.46 0.85 -13.80
C GLU B 51 10.66 0.02 -13.37
N ASP B 52 11.40 0.52 -12.37
CA ASP B 52 12.57 -0.18 -11.82
C ASP B 52 12.18 -1.52 -11.20
N ASN B 53 12.78 -2.60 -11.70
CA ASN B 53 12.57 -3.94 -11.15
C ASN B 53 13.89 -4.49 -10.63
N GLU B 54 13.96 -4.74 -9.32
CA GLU B 54 15.17 -5.23 -8.68
C GLU B 54 14.88 -5.93 -7.35
N GLY B 55 15.80 -6.82 -6.96
CA GLY B 55 15.72 -7.55 -5.71
C GLY B 55 16.65 -8.75 -5.78
N VAL B 56 16.67 -9.56 -4.74
CA VAL B 56 17.37 -10.85 -4.82
C VAL B 56 16.49 -11.97 -4.26
N LEU B 57 16.60 -13.15 -4.87
CA LEU B 57 15.84 -14.32 -4.42
C LEU B 57 16.75 -15.32 -3.72
N LEU B 58 16.32 -15.76 -2.53
CA LEU B 58 17.14 -16.59 -1.65
C LEU B 58 16.93 -18.09 -1.81
N THR B 59 15.82 -18.47 -2.43
CA THR B 59 15.53 -19.86 -2.72
C THR B 59 15.40 -20.07 -4.23
N GLU B 60 15.81 -21.24 -4.71
CA GLU B 60 15.76 -21.54 -6.14
C GLU B 60 14.33 -21.84 -6.62
N LYS B 61 13.44 -22.13 -5.69
CA LYS B 61 12.03 -22.38 -6.00
C LYS B 61 11.28 -21.12 -6.45
N LEU B 62 11.93 -19.97 -6.28
CA LEU B 62 11.48 -18.70 -6.87
C LEU B 62 12.51 -18.29 -7.92
N LYS B 63 12.09 -18.26 -9.19
CA LYS B 63 13.03 -18.06 -10.29
C LYS B 63 12.82 -16.77 -11.06
N PRO B 64 13.86 -15.93 -11.16
CA PRO B 64 13.85 -14.78 -12.04
C PRO B 64 13.93 -15.22 -13.49
N VAL B 65 13.22 -14.51 -14.37
CA VAL B 65 13.28 -14.75 -15.80
C VAL B 65 13.95 -13.54 -16.46
N ASP B 66 15.11 -13.77 -17.07
CA ASP B 66 15.90 -12.71 -17.71
C ASP B 66 16.14 -11.52 -16.78
N TYR B 67 16.53 -11.84 -15.54
CA TYR B 67 16.79 -10.85 -14.48
C TYR B 67 15.57 -9.99 -14.12
N GLU B 68 14.39 -10.56 -14.31
CA GLU B 68 13.13 -9.90 -13.96
C GLU B 68 12.22 -10.82 -13.14
N TYR B 69 11.39 -10.20 -12.29
CA TYR B 69 10.42 -10.91 -11.47
C TYR B 69 9.29 -9.94 -11.13
N ARG B 70 8.21 -10.02 -11.90
CA ARG B 70 7.11 -9.07 -11.85
C ARG B 70 5.79 -9.76 -11.57
N GLU B 71 4.94 -9.09 -10.79
CA GLU B 71 3.61 -9.60 -10.47
C GLU B 71 2.74 -9.70 -11.72
N GLU B 72 1.91 -10.73 -11.78
CA GLU B 72 1.04 -11.03 -12.92
C GLU B 72 1.78 -11.62 -14.13
N VAL B 73 3.08 -11.36 -14.22
CA VAL B 73 3.91 -11.90 -15.31
C VAL B 73 4.65 -13.17 -14.85
N HIS B 74 5.42 -13.06 -13.77
CA HIS B 74 6.24 -14.16 -13.29
C HIS B 74 5.68 -14.82 -12.07
N TRP B 75 4.84 -14.08 -11.34
CA TRP B 75 4.14 -14.62 -10.17
C TRP B 75 2.82 -13.92 -9.97
N ALA B 76 1.94 -14.51 -9.17
CA ALA B 76 0.65 -13.91 -8.86
C ALA B 76 0.13 -14.31 -7.47
N THR B 77 -0.80 -13.52 -6.93
CA THR B 77 -1.39 -13.82 -5.62
C THR B 77 -2.63 -14.72 -5.73
N HIS B 78 -2.90 -15.46 -4.66
CA HIS B 78 -4.03 -16.37 -4.59
C HIS B 78 -5.09 -15.89 -3.64
N GLN B 79 -6.35 -16.07 -4.05
CA GLN B 79 -7.51 -16.03 -3.14
C GLN B 79 -7.58 -14.80 -2.24
N LEU B 80 -8.17 -14.98 -1.06
CA LEU B 80 -8.30 -13.93 -0.07
C LEU B 80 -6.99 -13.73 0.69
N ARG B 81 -6.75 -12.50 1.14
CA ARG B 81 -5.52 -12.14 1.84
C ARG B 81 -5.35 -12.90 3.15
N LEU B 82 -4.11 -13.27 3.46
CA LEU B 82 -3.81 -14.01 4.68
C LEU B 82 -3.92 -13.13 5.93
N GLY B 83 -3.66 -11.85 5.76
CA GLY B 83 -3.75 -10.88 6.84
C GLY B 83 -3.24 -9.51 6.45
N ARG B 84 -3.55 -8.52 7.28
CA ARG B 84 -3.08 -7.16 7.10
C ARG B 84 -2.75 -6.55 8.46
N GLY B 85 -1.61 -5.86 8.54
CA GLY B 85 -1.21 -5.19 9.76
C GLY B 85 -1.26 -3.68 9.63
N SER B 86 -0.28 -3.01 10.21
CA SER B 86 -0.19 -1.54 10.16
C SER B 86 0.66 -1.08 8.97
N PHE B 87 1.36 -2.01 8.34
CA PHE B 87 2.28 -1.68 7.26
C PHE B 87 2.21 -2.64 6.07
N GLY B 88 1.83 -3.89 6.33
CA GLY B 88 1.84 -4.93 5.30
C GLY B 88 0.51 -5.61 5.02
N GLU B 89 0.25 -5.84 3.74
CA GLU B 89 -0.90 -6.63 3.30
C GLU B 89 -0.39 -7.93 2.70
N VAL B 90 -0.67 -9.04 3.38
CA VAL B 90 -0.07 -10.33 3.06
C VAL B 90 -1.01 -11.25 2.27
N HIS B 91 -0.46 -11.90 1.24
CA HIS B 91 -1.23 -12.80 0.37
C HIS B 91 -0.52 -14.11 0.14
N ARG B 92 -1.27 -15.09 -0.36
CA ARG B 92 -0.72 -16.34 -0.85
C ARG B 92 -0.21 -16.13 -2.28
N MET B 93 1.03 -16.48 -2.56
CA MET B 93 1.56 -16.35 -3.92
C MET B 93 2.03 -17.66 -4.53
N GLU B 94 2.19 -17.64 -5.85
CA GLU B 94 2.67 -18.79 -6.59
C GLU B 94 3.62 -18.35 -7.70
N ASP B 95 4.81 -18.94 -7.73
CA ASP B 95 5.73 -18.80 -8.86
C ASP B 95 5.10 -19.55 -10.04
N LYS B 96 4.97 -18.87 -11.16
CA LYS B 96 4.27 -19.40 -12.35
C LYS B 96 5.04 -20.55 -13.00
N GLN B 97 6.36 -20.41 -13.07
CA GLN B 97 7.22 -21.40 -13.70
C GLN B 97 7.43 -22.65 -12.81
N THR B 98 7.62 -22.42 -11.51
CA THR B 98 7.95 -23.49 -10.57
C THR B 98 6.72 -24.14 -9.96
N GLY B 99 5.64 -23.38 -9.83
CA GLY B 99 4.42 -23.83 -9.15
C GLY B 99 4.55 -23.77 -7.64
N PHE B 100 5.66 -23.20 -7.15
CA PHE B 100 5.94 -23.13 -5.72
C PHE B 100 4.99 -22.17 -5.00
N GLN B 101 4.52 -22.59 -3.83
CA GLN B 101 3.55 -21.85 -3.03
C GLN B 101 4.22 -21.20 -1.83
N CYS B 102 4.09 -19.88 -1.72
CA CYS B 102 4.56 -19.16 -0.55
C CYS B 102 3.68 -17.96 -0.23
N ALA B 103 4.20 -17.02 0.57
CA ALA B 103 3.45 -15.82 0.93
C ALA B 103 4.20 -14.56 0.53
N VAL B 104 3.45 -13.55 0.09
CA VAL B 104 3.98 -12.21 -0.19
C VAL B 104 3.48 -11.26 0.88
N LYS B 105 4.39 -10.46 1.43
CA LYS B 105 4.02 -9.27 2.18
C LYS B 105 4.29 -8.06 1.28
N LYS B 106 3.25 -7.28 1.01
CA LYS B 106 3.37 -6.09 0.18
C LYS B 106 3.48 -4.83 1.04
N VAL B 107 4.55 -4.08 0.80
CA VAL B 107 4.85 -2.87 1.56
C VAL B 107 5.25 -1.76 0.60
N ARG B 108 4.76 -0.55 0.86
CA ARG B 108 5.19 0.64 0.12
C ARG B 108 6.61 1.03 0.51
N LEU B 109 7.39 1.47 -0.48
CA LEU B 109 8.76 1.94 -0.25
C LEU B 109 8.83 2.99 0.86
N GLU B 110 7.90 3.94 0.82
CA GLU B 110 7.89 5.09 1.73
C GLU B 110 7.88 4.72 3.23
N VAL B 111 7.43 3.51 3.55
CA VAL B 111 7.40 3.02 4.93
C VAL B 111 8.36 1.86 5.20
N PHE B 112 8.87 1.26 4.13
CA PHE B 112 9.75 0.09 4.24
C PHE B 112 11.02 0.37 5.01
N ARG B 113 11.32 -0.50 5.98
CA ARG B 113 12.56 -0.43 6.74
C ARG B 113 13.46 -1.62 6.40
N ALA B 114 14.72 -1.34 6.09
CA ALA B 114 15.71 -2.36 5.73
C ALA B 114 15.94 -3.39 6.83
N GLU B 115 15.69 -2.99 8.07
CA GLU B 115 15.89 -3.86 9.23
C GLU B 115 14.90 -5.02 9.28
N GLU B 116 13.81 -4.93 8.51
CA GLU B 116 12.84 -6.01 8.40
C GLU B 116 13.45 -7.25 7.74
N LEU B 117 14.33 -7.02 6.76
CA LEU B 117 15.03 -8.11 6.09
C LEU B 117 16.33 -8.49 6.81
N MET B 118 17.05 -7.48 7.30
CA MET B 118 18.27 -7.69 8.10
C MET B 118 18.05 -8.62 9.31
N ALA B 119 16.84 -8.60 9.85
CA ALA B 119 16.51 -9.37 11.05
C ALA B 119 16.29 -10.87 10.80
N CYS B 120 15.79 -11.20 9.60
CA CYS B 120 15.39 -12.58 9.32
C CYS B 120 16.10 -13.26 8.15
N ALA B 121 16.94 -12.51 7.43
CA ALA B 121 17.66 -13.06 6.28
C ALA B 121 18.81 -13.98 6.68
N GLY B 122 18.79 -15.20 6.16
CA GLY B 122 19.86 -16.17 6.41
C GLY B 122 19.75 -16.97 7.71
N LEU B 123 18.75 -16.63 8.52
CA LEU B 123 18.53 -17.30 9.81
C LEU B 123 17.93 -18.70 9.62
N THR B 124 18.38 -19.64 10.45
CA THR B 124 18.04 -21.05 10.28
C THR B 124 17.11 -21.60 11.38
N SER B 125 16.59 -20.71 12.22
CA SER B 125 15.72 -21.10 13.34
C SER B 125 14.34 -21.58 12.87
N PRO B 126 13.87 -22.70 13.43
CA PRO B 126 12.51 -23.20 13.13
C PRO B 126 11.42 -22.38 13.81
N ARG B 127 11.82 -21.45 14.69
CA ARG B 127 10.88 -20.59 15.39
C ARG B 127 10.84 -19.18 14.80
N ILE B 128 11.42 -19.03 13.61
CA ILE B 128 11.44 -17.77 12.86
C ILE B 128 11.14 -18.07 11.39
N VAL B 129 10.15 -17.38 10.84
CA VAL B 129 9.76 -17.56 9.43
C VAL B 129 10.96 -17.40 8.49
N PRO B 130 11.21 -18.40 7.63
CA PRO B 130 12.28 -18.27 6.63
C PRO B 130 11.93 -17.26 5.55
N LEU B 131 12.89 -16.39 5.24
CA LEU B 131 12.74 -15.41 4.19
C LEU B 131 13.15 -16.02 2.86
N TYR B 132 12.26 -15.95 1.87
CA TYR B 132 12.55 -16.49 0.55
C TYR B 132 13.12 -15.45 -0.41
N GLY B 133 13.09 -14.18 -0.01
CA GLY B 133 13.61 -13.09 -0.83
C GLY B 133 12.72 -11.86 -0.82
N ALA B 134 13.15 -10.83 -1.54
CA ALA B 134 12.37 -9.59 -1.70
C ALA B 134 12.70 -8.87 -3.00
N VAL B 135 11.68 -8.41 -3.71
CA VAL B 135 11.87 -7.63 -4.94
C VAL B 135 11.02 -6.36 -5.00
N ARG B 136 11.56 -5.35 -5.66
CA ARG B 136 10.89 -4.07 -5.92
C ARG B 136 10.27 -4.06 -7.30
N GLU B 137 9.07 -3.50 -7.39
CA GLU B 137 8.52 -3.04 -8.66
C GLU B 137 8.20 -1.56 -8.49
N GLY B 138 9.21 -0.73 -8.70
CA GLY B 138 9.09 0.71 -8.44
C GLY B 138 8.99 0.97 -6.95
N PRO B 139 7.89 1.61 -6.51
CA PRO B 139 7.65 1.86 -5.08
C PRO B 139 6.96 0.70 -4.35
N TRP B 140 6.67 -0.38 -5.08
CA TRP B 140 5.97 -1.53 -4.51
C TRP B 140 6.96 -2.59 -4.11
N VAL B 141 7.11 -2.78 -2.80
CA VAL B 141 8.05 -3.78 -2.28
C VAL B 141 7.32 -5.06 -1.92
N ASN B 142 7.80 -6.17 -2.46
CA ASN B 142 7.24 -7.48 -2.16
C ASN B 142 8.23 -8.30 -1.36
N ILE B 143 7.78 -8.81 -0.22
CA ILE B 143 8.61 -9.61 0.69
C ILE B 143 8.10 -11.04 0.72
N PHE B 144 8.96 -11.99 0.30
CA PHE B 144 8.59 -13.40 0.21
C PHE B 144 9.05 -14.23 1.41
N MET B 145 8.25 -15.22 1.78
CA MET B 145 8.51 -16.04 2.97
C MET B 145 7.68 -17.32 2.96
N GLU B 146 7.93 -18.20 3.93
CA GLU B 146 7.16 -19.42 4.08
C GLU B 146 5.69 -19.10 4.36
N LEU B 147 4.81 -19.77 3.63
CA LEU B 147 3.38 -19.73 3.88
C LEU B 147 3.05 -20.68 5.03
N LEU B 148 2.51 -20.14 6.13
CA LEU B 148 2.06 -20.97 7.24
C LEU B 148 0.55 -21.20 7.21
N GLU B 149 0.16 -22.45 7.39
CA GLU B 149 -1.17 -22.93 7.04
C GLU B 149 -2.29 -22.46 7.97
N GLY B 150 -2.07 -22.60 9.27
CA GLY B 150 -3.04 -22.13 10.27
C GLY B 150 -2.48 -20.92 11.00
N GLY B 151 -2.22 -19.86 10.23
CA GLY B 151 -1.44 -18.74 10.71
C GLY B 151 -2.08 -17.84 11.75
N SER B 152 -1.24 -17.00 12.36
CA SER B 152 -1.64 -15.97 13.32
C SER B 152 -2.20 -16.50 14.65
N LEU B 153 -1.38 -16.45 15.68
CA LEU B 153 -1.80 -16.76 17.05
C LEU B 153 -2.90 -15.80 17.50
N GLY B 154 -2.84 -14.56 17.01
CA GLY B 154 -3.89 -13.58 17.23
C GLY B 154 -5.22 -13.95 16.63
N GLN B 155 -5.19 -14.64 15.48
CA GLN B 155 -6.41 -15.17 14.87
C GLN B 155 -6.92 -16.39 15.63
N LEU B 156 -6.01 -17.15 16.23
CA LEU B 156 -6.37 -18.34 17.01
C LEU B 156 -7.05 -17.96 18.33
N VAL B 157 -6.50 -16.95 19.01
CA VAL B 157 -7.09 -16.47 20.27
C VAL B 157 -8.46 -15.81 20.07
N LYS B 158 -8.63 -15.13 18.93
CA LYS B 158 -9.89 -14.47 18.59
C LYS B 158 -11.01 -15.49 18.33
N GLU B 159 -10.67 -16.54 17.58
CA GLU B 159 -11.62 -17.59 17.23
C GLU B 159 -11.93 -18.51 18.43
N GLN B 160 -10.92 -18.76 19.25
CA GLN B 160 -11.05 -19.67 20.39
C GLN B 160 -11.30 -18.95 21.73
N GLY B 161 -11.57 -17.64 21.65
CA GLY B 161 -11.84 -16.82 22.84
C GLY B 161 -10.59 -16.55 23.66
N CYS B 162 -10.05 -17.61 24.25
CA CYS B 162 -8.74 -17.59 24.92
C CYS B 162 -8.17 -19.01 24.93
N LEU B 163 -6.96 -19.16 25.46
CA LEU B 163 -6.25 -20.44 25.42
C LEU B 163 -5.92 -20.99 26.81
N PRO B 164 -5.98 -22.33 26.96
CA PRO B 164 -5.61 -22.96 28.24
C PRO B 164 -4.10 -22.88 28.51
N GLU B 165 -3.72 -23.07 29.76
CA GLU B 165 -2.33 -22.95 30.20
C GLU B 165 -1.33 -23.72 29.32
N ASP B 166 -1.66 -24.97 29.02
CA ASP B 166 -0.78 -25.84 28.23
C ASP B 166 -0.57 -25.32 26.81
N ARG B 167 -1.67 -24.98 26.13
CA ARG B 167 -1.64 -24.44 24.76
C ARG B 167 -0.86 -23.13 24.70
N ALA B 168 -1.15 -22.23 25.65
CA ALA B 168 -0.67 -20.86 25.62
C ALA B 168 0.83 -20.72 25.90
N LEU B 169 1.32 -21.42 26.92
CA LEU B 169 2.75 -21.33 27.26
C LEU B 169 3.61 -22.23 26.36
N TYR B 170 2.97 -23.21 25.72
CA TYR B 170 3.60 -24.01 24.68
C TYR B 170 4.06 -23.11 23.54
N TYR B 171 3.18 -22.21 23.12
CA TYR B 171 3.51 -21.21 22.10
C TYR B 171 4.45 -20.13 22.62
N LEU B 172 4.31 -19.78 23.90
CA LEU B 172 5.19 -18.78 24.52
C LEU B 172 6.62 -19.29 24.50
N GLY B 173 6.82 -20.53 24.95
CA GLY B 173 8.13 -21.17 24.98
C GLY B 173 8.82 -21.18 23.62
N GLN B 174 8.06 -21.53 22.58
CA GLN B 174 8.56 -21.54 21.21
C GLN B 174 8.91 -20.14 20.70
N ALA B 175 8.10 -19.14 21.08
CA ALA B 175 8.37 -17.74 20.75
C ALA B 175 9.60 -17.24 21.48
N LEU B 176 9.83 -17.78 22.68
CA LEU B 176 11.02 -17.47 23.47
C LEU B 176 12.27 -18.11 22.87
N GLU B 177 12.11 -19.29 22.28
CA GLU B 177 13.19 -19.95 21.53
C GLU B 177 13.63 -19.06 20.37
N GLY B 178 12.65 -18.50 19.66
CA GLY B 178 12.90 -17.58 18.55
C GLY B 178 13.54 -16.30 19.01
N LEU B 179 13.01 -15.76 20.11
CA LEU B 179 13.57 -14.57 20.76
C LEU B 179 15.02 -14.78 21.19
N GLU B 180 15.31 -15.95 21.75
CA GLU B 180 16.65 -16.31 22.19
C GLU B 180 17.64 -16.39 21.01
N TYR B 181 17.17 -16.91 19.89
CA TYR B 181 17.95 -17.02 18.65
C TYR B 181 18.33 -15.63 18.14
N LEU B 182 17.39 -14.70 18.21
CA LEU B 182 17.60 -13.32 17.74
C LEU B 182 18.50 -12.52 18.66
N HIS B 183 18.25 -12.61 19.98
CA HIS B 183 18.99 -11.83 20.97
C HIS B 183 20.45 -12.21 21.07
N SER B 184 20.74 -13.49 20.87
CA SER B 184 22.13 -13.98 20.87
C SER B 184 22.91 -13.45 19.67
N ARG B 185 22.18 -13.08 18.61
CA ARG B 185 22.77 -12.51 17.40
C ARG B 185 22.56 -10.99 17.33
N ARG B 186 22.27 -10.39 18.49
CA ARG B 186 22.10 -8.94 18.64
C ARG B 186 20.96 -8.37 17.79
N ILE B 187 19.81 -9.05 17.82
CA ILE B 187 18.63 -8.62 17.08
C ILE B 187 17.40 -8.46 17.98
N LEU B 188 16.92 -7.23 18.07
CA LEU B 188 15.71 -6.90 18.80
C LEU B 188 14.51 -7.00 17.85
N HIS B 189 13.45 -7.70 18.26
CA HIS B 189 12.27 -7.89 17.41
C HIS B 189 11.48 -6.62 17.28
N GLY B 190 11.12 -6.02 18.41
CA GLY B 190 10.46 -4.70 18.42
C GLY B 190 8.95 -4.70 18.53
N ASP B 191 8.31 -5.79 18.08
CA ASP B 191 6.85 -5.84 18.01
C ASP B 191 6.32 -7.26 18.26
N VAL B 192 6.81 -7.91 19.33
CA VAL B 192 6.40 -9.28 19.63
C VAL B 192 5.01 -9.32 20.26
N LYS B 193 4.10 -9.99 19.56
CA LYS B 193 2.72 -10.17 19.99
C LYS B 193 2.06 -11.29 19.19
N ALA B 194 0.85 -11.66 19.61
CA ALA B 194 0.10 -12.77 19.04
C ALA B 194 -0.08 -12.67 17.52
N ASP B 195 -0.37 -11.47 17.03
CA ASP B 195 -0.55 -11.21 15.61
C ASP B 195 0.73 -11.44 14.79
N ASN B 196 1.87 -11.35 15.46
CA ASN B 196 3.17 -11.54 14.82
C ASN B 196 3.82 -12.92 15.06
N VAL B 197 3.02 -13.90 15.42
CA VAL B 197 3.48 -15.29 15.46
C VAL B 197 2.61 -16.18 14.56
N LEU B 198 3.27 -16.97 13.72
CA LEU B 198 2.62 -17.83 12.74
C LEU B 198 2.57 -19.29 13.20
N LEU B 199 1.57 -20.02 12.74
CA LEU B 199 1.31 -21.39 13.18
C LEU B 199 1.10 -22.39 12.03
N SER B 200 1.50 -23.64 12.26
CA SER B 200 1.29 -24.73 11.30
C SER B 200 -0.19 -25.05 11.05
N SER B 201 -0.44 -25.97 10.12
CA SER B 201 -1.80 -26.41 9.78
C SER B 201 -2.53 -27.00 10.98
N ASP B 202 -1.87 -27.94 11.64
CA ASP B 202 -2.43 -28.60 12.83
C ASP B 202 -2.34 -27.72 14.07
N GLY B 203 -1.34 -26.85 14.10
CA GLY B 203 -1.11 -25.96 15.24
C GLY B 203 0.10 -26.37 16.07
N SER B 204 0.88 -27.31 15.54
CA SER B 204 2.03 -27.87 16.25
C SER B 204 3.24 -26.94 16.31
N HIS B 205 3.67 -26.44 15.15
CA HIS B 205 4.84 -25.55 15.09
C HIS B 205 4.43 -24.10 15.09
N ALA B 206 5.23 -23.27 15.76
CA ALA B 206 5.00 -21.82 15.79
C ALA B 206 6.28 -21.06 15.45
N ALA B 207 6.13 -19.98 14.69
CA ALA B 207 7.27 -19.20 14.22
C ALA B 207 7.02 -17.69 14.28
N LEU B 208 8.06 -16.94 14.66
CA LEU B 208 8.00 -15.49 14.69
C LEU B 208 7.98 -14.90 13.29
N CYS B 209 7.31 -13.77 13.15
CA CYS B 209 7.31 -13.01 11.90
C CYS B 209 7.25 -11.52 12.18
N ASP B 210 7.23 -10.73 11.10
CA ASP B 210 7.02 -9.29 11.15
C ASP B 210 8.10 -8.55 11.93
N PHE B 211 9.24 -8.35 11.27
CA PHE B 211 10.38 -7.68 11.89
C PHE B 211 10.47 -6.23 11.42
N GLY B 212 9.30 -5.62 11.20
CA GLY B 212 9.21 -4.24 10.71
C GLY B 212 9.64 -3.20 11.73
N HIS B 213 9.64 -3.58 13.00
CA HIS B 213 10.12 -2.71 14.08
C HIS B 213 11.42 -3.20 14.66
N ALA B 214 12.08 -4.10 13.94
CA ALA B 214 13.37 -4.65 14.36
C ALA B 214 14.48 -3.60 14.36
N VAL B 215 15.44 -3.78 15.27
CA VAL B 215 16.58 -2.88 15.40
C VAL B 215 17.81 -3.64 15.91
N CYS B 216 19.01 -3.17 15.52
CA CYS B 216 20.26 -3.84 15.84
C CYS B 216 20.84 -3.37 17.17
N LEU B 217 21.10 -4.34 18.06
CA LEU B 217 21.71 -4.07 19.37
C LEU B 217 23.20 -3.78 19.23
N GLN B 218 23.83 -3.37 20.34
CA GLN B 218 25.24 -3.02 20.35
C GLN B 218 26.14 -4.26 20.30
N ILE B 232 11.42 3.05 17.78
CA ILE B 232 9.98 3.15 18.01
C ILE B 232 9.35 1.75 18.13
N PRO B 233 8.65 1.49 19.25
CA PRO B 233 7.92 0.23 19.44
C PRO B 233 6.67 0.14 18.56
N GLY B 234 6.13 -1.06 18.42
CA GLY B 234 5.00 -1.30 17.53
C GLY B 234 3.64 -1.15 18.18
N THR B 235 3.45 -1.80 19.32
CA THR B 235 2.13 -1.87 19.96
C THR B 235 2.15 -1.24 21.36
N GLU B 236 1.22 -0.32 21.58
CA GLU B 236 1.13 0.45 22.83
C GLU B 236 0.92 -0.45 24.05
N THR B 237 -0.02 -1.40 23.93
CA THR B 237 -0.36 -2.32 25.00
C THR B 237 0.81 -3.21 25.43
N HIS B 238 1.76 -3.40 24.51
CA HIS B 238 2.91 -4.28 24.73
C HIS B 238 4.18 -3.53 25.05
N MET B 239 4.09 -2.20 25.14
CA MET B 239 5.27 -1.38 25.44
C MET B 239 5.83 -1.64 26.83
N ALA B 240 7.14 -1.83 26.89
CA ALA B 240 7.86 -2.00 28.15
C ALA B 240 8.08 -0.63 28.81
N PRO B 241 7.94 -0.56 30.15
CA PRO B 241 8.05 0.70 30.90
C PRO B 241 9.30 1.52 30.59
N GLU B 242 10.44 0.85 30.42
CA GLU B 242 11.71 1.52 30.14
C GLU B 242 11.73 2.26 28.80
N VAL B 243 10.93 1.78 27.85
CA VAL B 243 10.83 2.40 26.53
C VAL B 243 9.90 3.61 26.57
N VAL B 244 8.83 3.47 27.35
CA VAL B 244 7.86 4.56 27.58
C VAL B 244 8.55 5.77 28.22
N LEU B 245 9.37 5.50 29.25
CA LEU B 245 10.07 6.56 29.99
C LEU B 245 11.18 7.21 29.15
N GLY B 246 11.94 6.39 28.41
CA GLY B 246 13.01 6.88 27.56
C GLY B 246 14.40 6.52 28.05
N ARG B 247 14.46 5.60 29.02
CA ARG B 247 15.73 5.13 29.57
C ARG B 247 16.42 4.14 28.63
N SER B 248 17.50 3.53 29.11
CA SER B 248 18.26 2.53 28.34
C SER B 248 17.40 1.31 28.01
N CYS B 249 17.41 0.93 26.74
CA CYS B 249 16.61 -0.20 26.26
C CYS B 249 17.44 -1.24 25.53
N ASP B 250 17.20 -2.51 25.83
CA ASP B 250 17.93 -3.62 25.24
C ASP B 250 17.00 -4.79 24.88
N ALA B 251 17.56 -6.00 24.85
CA ALA B 251 16.82 -7.21 24.48
C ALA B 251 15.70 -7.59 25.45
N LYS B 252 15.63 -6.88 26.58
CA LYS B 252 14.64 -7.15 27.61
C LYS B 252 13.24 -6.62 27.25
N VAL B 253 13.17 -5.83 26.19
CA VAL B 253 11.90 -5.30 25.68
C VAL B 253 11.00 -6.43 25.19
N ASP B 254 11.59 -7.37 24.45
CA ASP B 254 10.86 -8.49 23.85
C ASP B 254 10.24 -9.43 24.88
N VAL B 255 10.95 -9.67 25.98
CA VAL B 255 10.45 -10.58 27.02
C VAL B 255 9.24 -10.02 27.78
N TRP B 256 9.18 -8.70 27.93
CA TRP B 256 8.00 -8.03 28.47
C TRP B 256 6.82 -8.23 27.56
N SER B 257 7.00 -7.89 26.29
CA SER B 257 5.94 -7.99 25.28
C SER B 257 5.40 -9.42 25.12
N SER B 258 6.28 -10.40 25.23
CA SER B 258 5.89 -11.81 25.21
C SER B 258 4.97 -12.16 26.37
N CYS B 259 5.23 -11.54 27.53
CA CYS B 259 4.37 -11.75 28.71
C CYS B 259 3.04 -10.99 28.62
N CYS B 260 3.02 -9.92 27.83
CA CYS B 260 1.77 -9.25 27.49
C CYS B 260 0.98 -10.15 26.53
N MET B 261 1.70 -10.80 25.62
CA MET B 261 1.12 -11.81 24.74
C MET B 261 0.61 -12.98 25.54
N MET B 262 1.41 -13.38 26.54
CA MET B 262 1.02 -14.42 27.49
C MET B 262 -0.29 -14.06 28.18
N LEU B 263 -0.39 -12.81 28.63
CA LEU B 263 -1.63 -12.30 29.23
C LEU B 263 -2.79 -12.28 28.22
N HIS B 264 -2.47 -11.99 26.96
CA HIS B 264 -3.46 -11.97 25.89
C HIS B 264 -3.98 -13.34 25.54
N MET B 265 -3.10 -14.34 25.59
CA MET B 265 -3.49 -15.72 25.29
C MET B 265 -4.43 -16.31 26.34
N LEU B 266 -4.23 -15.94 27.60
CA LEU B 266 -5.03 -16.47 28.71
C LEU B 266 -6.33 -15.69 28.91
N ASN B 267 -6.22 -14.37 28.95
CA ASN B 267 -7.37 -13.50 29.20
C ASN B 267 -8.27 -13.31 27.98
N GLY B 268 -7.69 -13.49 26.79
CA GLY B 268 -8.40 -13.26 25.53
C GLY B 268 -8.41 -11.79 25.15
N CYS B 269 -7.72 -10.98 25.95
CA CYS B 269 -7.66 -9.55 25.73
C CYS B 269 -6.27 -9.04 26.09
N HIS B 270 -5.86 -7.95 25.43
CA HIS B 270 -4.60 -7.28 25.74
C HIS B 270 -4.62 -6.77 27.14
N PRO B 271 -3.44 -6.73 27.80
CA PRO B 271 -3.35 -6.12 29.12
C PRO B 271 -3.67 -4.62 29.07
N TRP B 272 -3.99 -4.06 30.23
CA TRP B 272 -4.32 -2.62 30.40
C TRP B 272 -5.70 -2.24 29.91
N THR B 273 -6.06 -2.73 28.72
CA THR B 273 -7.25 -2.27 27.98
C THR B 273 -8.57 -2.36 28.76
N GLN B 274 -8.70 -3.38 29.59
CA GLN B 274 -9.92 -3.60 30.37
C GLN B 274 -10.08 -2.59 31.51
N PHE B 275 -8.97 -1.98 31.93
CA PHE B 275 -8.96 -1.14 33.12
C PHE B 275 -8.65 0.34 32.84
N PHE B 276 -8.12 0.64 31.67
CA PHE B 276 -7.79 2.02 31.32
C PHE B 276 -8.33 2.47 29.96
N ARG B 277 -8.65 3.76 29.86
CA ARG B 277 -9.31 4.33 28.69
C ARG B 277 -8.36 4.63 27.54
N GLY B 278 -7.17 5.14 27.86
CA GLY B 278 -6.17 5.51 26.86
C GLY B 278 -5.98 7.01 26.76
N PRO B 279 -4.76 7.46 26.41
CA PRO B 279 -3.57 6.69 26.07
C PRO B 279 -3.01 5.92 27.26
N LEU B 280 -2.43 4.76 26.99
CA LEU B 280 -1.92 3.87 28.03
C LEU B 280 -0.47 4.16 28.40
N CYS B 281 0.19 4.98 27.57
CA CYS B 281 1.61 5.33 27.75
C CYS B 281 1.95 5.81 29.16
N LEU B 282 1.10 6.67 29.72
CA LEU B 282 1.30 7.19 31.06
C LEU B 282 1.06 6.12 32.13
N LYS B 283 0.08 5.25 31.90
CA LYS B 283 -0.31 4.22 32.86
C LYS B 283 0.73 3.11 33.05
N ILE B 284 1.45 2.78 31.97
CA ILE B 284 2.50 1.77 32.01
C ILE B 284 3.67 2.22 32.90
N ALA B 285 3.98 3.51 32.85
CA ALA B 285 5.08 4.10 33.64
C ALA B 285 4.76 4.24 35.14
N SER B 286 3.47 4.35 35.46
CA SER B 286 3.04 4.70 36.81
C SER B 286 2.46 3.52 37.62
N GLU B 287 1.70 2.66 36.95
CA GLU B 287 1.04 1.53 37.61
C GLU B 287 2.03 0.40 37.91
N PRO B 288 1.66 -0.49 38.86
CA PRO B 288 2.42 -1.72 39.10
C PRO B 288 2.45 -2.61 37.86
N PRO B 289 3.32 -3.65 37.84
CA PRO B 289 3.28 -4.61 36.75
C PRO B 289 1.89 -5.23 36.63
N PRO B 290 1.38 -5.41 35.40
CA PRO B 290 0.04 -5.95 35.18
C PRO B 290 -0.13 -7.40 35.64
N VAL B 291 0.66 -7.81 36.64
CA VAL B 291 0.63 -9.17 37.18
C VAL B 291 -0.71 -9.52 37.84
N ARG B 292 -1.51 -8.51 38.13
CA ARG B 292 -2.86 -8.70 38.68
C ARG B 292 -3.84 -9.20 37.61
N GLU B 293 -3.41 -9.18 36.35
CA GLU B 293 -4.23 -9.67 35.24
C GLU B 293 -4.03 -11.17 34.98
N ILE B 294 -3.04 -11.76 35.63
CA ILE B 294 -2.82 -13.20 35.61
C ILE B 294 -3.99 -13.91 36.29
N PRO B 295 -4.61 -14.88 35.59
CA PRO B 295 -5.66 -15.71 36.20
C PRO B 295 -5.18 -16.37 37.50
N PRO B 296 -6.02 -16.36 38.55
CA PRO B 296 -5.64 -16.83 39.88
C PRO B 296 -5.42 -18.35 39.97
N SER B 297 -6.08 -19.11 39.10
CA SER B 297 -6.03 -20.57 39.12
C SER B 297 -4.67 -21.14 38.70
N CYS B 298 -3.97 -20.43 37.82
CA CYS B 298 -2.69 -20.88 37.25
C CYS B 298 -1.67 -21.27 38.31
N ALA B 299 -0.93 -22.34 38.02
CA ALA B 299 0.13 -22.85 38.90
C ALA B 299 1.17 -21.78 39.23
N PRO B 300 1.70 -21.78 40.48
CA PRO B 300 2.68 -20.78 40.92
C PRO B 300 4.00 -20.78 40.14
N LEU B 301 4.06 -21.61 39.10
CA LEU B 301 5.22 -21.65 38.19
C LEU B 301 4.93 -20.87 36.91
N THR B 302 3.71 -21.04 36.39
CA THR B 302 3.23 -20.25 35.26
C THR B 302 3.11 -18.79 35.70
N ALA B 303 2.43 -18.57 36.82
CA ALA B 303 2.24 -17.24 37.39
C ALA B 303 3.56 -16.55 37.74
N GLN B 304 4.50 -17.32 38.29
CA GLN B 304 5.82 -16.79 38.65
C GLN B 304 6.60 -16.33 37.42
N ALA B 305 6.54 -17.12 36.35
CA ALA B 305 7.26 -16.83 35.11
C ALA B 305 6.83 -15.49 34.50
N ILE B 306 5.52 -15.26 34.45
CA ILE B 306 4.96 -14.00 33.93
C ILE B 306 5.44 -12.82 34.78
N GLN B 307 5.52 -13.03 36.11
CA GLN B 307 5.98 -12.00 37.04
C GLN B 307 7.44 -11.63 36.86
N GLU B 308 8.28 -12.61 36.56
CA GLU B 308 9.70 -12.37 36.27
C GLU B 308 9.88 -11.60 34.97
N GLY B 309 9.02 -11.90 34.00
CA GLY B 309 9.04 -11.21 32.71
C GLY B 309 8.40 -9.83 32.75
N LEU B 310 7.51 -9.61 33.72
CA LEU B 310 6.84 -8.32 33.86
C LEU B 310 7.46 -7.43 34.92
N ARG B 311 8.72 -7.68 35.26
CA ARG B 311 9.47 -6.82 36.19
C ARG B 311 9.86 -5.54 35.48
N LYS B 312 9.48 -4.41 36.08
CA LYS B 312 9.55 -3.08 35.44
C LYS B 312 10.95 -2.61 35.07
N GLU B 313 11.95 -3.03 35.84
CA GLU B 313 13.33 -2.65 35.55
C GLU B 313 14.02 -3.73 34.71
N PRO B 314 14.55 -3.35 33.54
CA PRO B 314 15.17 -4.25 32.56
C PRO B 314 16.36 -5.07 33.10
N ILE B 315 17.08 -4.52 34.07
CA ILE B 315 18.20 -5.24 34.69
C ILE B 315 17.67 -6.38 35.56
N HIS B 316 16.55 -6.13 36.22
CA HIS B 316 15.93 -7.12 37.11
C HIS B 316 14.98 -8.04 36.40
N ARG B 317 14.83 -7.84 35.09
CA ARG B 317 13.96 -8.68 34.26
C ARG B 317 14.74 -9.83 33.62
N VAL B 318 14.13 -11.02 33.63
CA VAL B 318 14.75 -12.23 33.06
C VAL B 318 15.01 -12.10 31.55
N SER B 319 16.04 -12.81 31.07
CA SER B 319 16.35 -12.86 29.66
C SER B 319 15.44 -13.87 28.94
N ALA B 320 15.58 -13.97 27.63
CA ALA B 320 14.79 -14.90 26.82
C ALA B 320 15.13 -16.34 27.16
N ALA B 321 16.43 -16.62 27.33
CA ALA B 321 16.93 -17.94 27.67
C ALA B 321 16.45 -18.39 29.06
N GLU B 322 16.50 -17.47 30.02
CA GLU B 322 16.08 -17.75 31.40
C GLU B 322 14.59 -18.01 31.50
N LEU B 323 13.79 -17.20 30.79
CA LEU B 323 12.34 -17.32 30.83
C LEU B 323 11.85 -18.58 30.11
N GLY B 324 12.54 -18.94 29.02
CA GLY B 324 12.20 -20.14 28.25
C GLY B 324 12.14 -21.41 29.07
N GLY B 325 13.16 -21.62 29.91
CA GLY B 325 13.23 -22.79 30.79
C GLY B 325 12.14 -22.82 31.84
N LYS B 326 11.89 -21.67 32.47
CA LYS B 326 10.82 -21.52 33.47
C LYS B 326 9.46 -21.87 32.88
N VAL B 327 9.26 -21.47 31.62
CA VAL B 327 8.02 -21.76 30.88
C VAL B 327 7.95 -23.24 30.51
N ASN B 328 9.09 -23.81 30.10
CA ASN B 328 9.20 -25.23 29.79
C ASN B 328 8.96 -26.13 31.00
N ARG B 329 9.48 -25.70 32.15
CA ARG B 329 9.26 -26.40 33.41
C ARG B 329 7.80 -26.36 33.84
N ALA B 330 7.11 -25.30 33.46
CA ALA B 330 5.69 -25.13 33.78
C ALA B 330 4.77 -26.04 32.95
N LEU B 331 5.20 -26.37 31.73
CA LEU B 331 4.43 -27.23 30.84
C LEU B 331 4.36 -28.68 31.34
N GLN B 332 5.43 -29.12 31.98
CA GLN B 332 5.49 -30.45 32.58
C GLN B 332 4.50 -30.58 33.73
N GLN B 333 4.31 -29.49 34.47
CA GLN B 333 3.49 -29.49 35.69
C GLN B 333 1.99 -29.46 35.41
N VAL B 334 1.61 -29.01 34.23
CA VAL B 334 0.21 -29.06 33.79
C VAL B 334 -0.10 -30.31 32.97
N GLY B 335 0.96 -31.08 32.65
CA GLY B 335 0.82 -32.36 31.97
C GLY B 335 1.08 -32.33 30.47
N GLY B 336 1.83 -31.33 30.01
CA GLY B 336 2.16 -31.18 28.60
C GLY B 336 0.99 -30.74 27.73
N LEU B 337 1.23 -30.63 26.43
CA LEU B 337 0.20 -30.23 25.48
C LEU B 337 -0.73 -31.40 25.17
N LYS B 338 -2.00 -31.27 25.56
CA LYS B 338 -3.01 -32.27 25.22
C LYS B 338 -4.27 -31.65 24.61
N SER B 339 -4.59 -30.43 25.05
CA SER B 339 -5.77 -29.70 24.57
C SER B 339 -5.93 -29.82 23.05
N PRO B 340 -7.15 -30.17 22.58
CA PRO B 340 -7.40 -30.40 21.16
C PRO B 340 -7.13 -29.17 20.28
N TRP B 341 -6.77 -29.41 19.02
CA TRP B 341 -6.52 -28.33 18.07
C TRP B 341 -7.80 -27.66 17.66
N ARG B 342 -7.88 -26.36 17.94
CA ARG B 342 -9.05 -25.53 17.64
C ARG B 342 -10.34 -26.09 18.24
N GLY B 343 -10.22 -26.69 19.43
CA GLY B 343 -11.34 -27.36 20.08
C GLY B 343 -11.91 -26.61 21.28
N GLU B 344 -13.23 -26.44 21.27
CA GLU B 344 -14.01 -25.78 22.33
C GLU B 344 -13.64 -24.31 22.59
N TYR B 345 -14.54 -23.41 22.17
CA TYR B 345 -14.38 -21.98 22.37
C TYR B 345 -14.73 -21.61 23.81
N LYS B 346 -13.70 -21.24 24.58
CA LYS B 346 -13.89 -20.83 25.97
C LYS B 346 -13.96 -19.31 26.10
N GLU B 347 -14.72 -18.85 27.10
CA GLU B 347 -15.01 -17.43 27.28
C GLU B 347 -13.79 -16.63 27.75
N PRO B 348 -13.48 -15.52 27.06
CA PRO B 348 -12.42 -14.61 27.50
C PRO B 348 -12.88 -13.77 28.70
N ARG B 349 -11.90 -13.21 29.42
CA ARG B 349 -12.18 -12.37 30.57
C ARG B 349 -12.92 -11.08 30.16
N HIS B 350 -14.04 -10.83 30.84
CA HIS B 350 -14.90 -9.68 30.53
C HIS B 350 -14.61 -8.49 31.41
N PRO B 351 -14.81 -7.26 30.89
CA PRO B 351 -14.59 -6.04 31.66
C PRO B 351 -15.64 -5.84 32.76
#